data_6AZ2
#
_entry.id   6AZ2
#
_cell.length_a   99.666
_cell.length_b   109.743
_cell.length_c   122.170
_cell.angle_alpha   90.00
_cell.angle_beta   90.00
_cell.angle_gamma   90.00
#
_symmetry.space_group_name_H-M   'P 21 21 21'
#
loop_
_entity.id
_entity.type
_entity.pdbx_description
1 polymer 'Fab Heavy Chain'
2 polymer 'Histone chaperone ASF1'
3 polymer 'Fab Light Chain'
4 water water
#
loop_
_entity_poly.entity_id
_entity_poly.type
_entity_poly.pdbx_seq_one_letter_code
_entity_poly.pdbx_strand_id
1 'polypeptide(L)'
;EISEVQLVESGGGLVQPGGSLRLSCAASGFNVSYSSIHWVRQAPGKGLEWVAYIYPSSGYTSYADSVKGRFTISADTSKN
TAYLQMNSLRAEDTAVYYCARSYSTKLAMDYWGQGTLVTVFNQIKGPSVFPLAPSSKSTSGGTAALGCLVKDYFPEPVTV
SWNSGALTSGVHTFPAVLQSSGLYSLSSVVTVPSSSLGTQTYICNVNHKPSNTKVDKKVEPKSCDKTHT
;
A,C
2 'polypeptide(L)'
;GSIVSLLGIKVLNNPAKFTDPYEFEITFECLESLKHDLEWKLTYVGSSRSLDHDQELDSILVGPVPVGVNKFVFSADPPS
AELIPASELVSVTVILLSCSYDGREFVRVGYYVNNEYDEEELRENPPAKVQVDHIVRNILAEKPRVTRFNIVWD
;
B,D
3 'polypeptide(L)'
;SDIQMTQSPSSLSASVGDRVTITCRASQSVSSAVAWYQQKPGKAPKLLIYSASSLYSGVPSRFSGSRSGTDFTLTISSLQ
PEDFATYYCQQSQWYPITFGQGTKVEIKRTVAAPSVFIFPPSDSQLKSGTASVVCLLNNFYPREAKVQWKVDNALQSGNS
QESVTEQDSKDSTYSLSSTLTLSKADYEKHKVYACEVTHQGLSSPVTKSFNRGEC
;
E,F
#
# COMPACT_ATOMS: atom_id res chain seq x y z
N VAL A 5 -10.09 4.42 -37.18
CA VAL A 5 -9.03 4.39 -36.19
C VAL A 5 -9.02 3.04 -35.47
N GLN A 6 -7.99 2.25 -35.76
CA GLN A 6 -7.82 0.92 -35.19
C GLN A 6 -6.50 0.84 -34.42
N LEU A 7 -6.52 0.05 -33.34
CA LEU A 7 -5.32 -0.34 -32.62
C LEU A 7 -5.31 -1.86 -32.51
N VAL A 8 -4.34 -2.49 -33.14
CA VAL A 8 -4.26 -3.95 -33.20
C VAL A 8 -3.06 -4.40 -32.40
N GLU A 9 -3.30 -5.24 -31.41
CA GLU A 9 -2.26 -5.76 -30.53
C GLU A 9 -1.90 -7.18 -30.93
N SER A 10 -0.64 -7.56 -30.67
CA SER A 10 -0.16 -8.89 -30.97
C SER A 10 0.99 -9.20 -30.03
N GLY A 11 1.40 -10.46 -30.03
CA GLY A 11 2.54 -10.91 -29.26
C GLY A 11 2.21 -11.53 -27.91
N GLY A 12 0.93 -11.62 -27.55
CA GLY A 12 0.56 -12.23 -26.30
C GLY A 12 0.76 -13.73 -26.32
N GLY A 13 0.37 -14.37 -25.22
CA GLY A 13 0.43 -15.81 -25.11
C GLY A 13 1.14 -16.22 -23.83
N LEU A 14 1.62 -17.46 -23.83
CA LEU A 14 2.20 -18.06 -22.64
C LEU A 14 3.68 -17.76 -22.54
N VAL A 15 4.16 -17.66 -21.30
CA VAL A 15 5.54 -17.32 -21.01
C VAL A 15 5.84 -17.72 -19.58
N GLN A 16 7.11 -18.03 -19.30
CA GLN A 16 7.46 -18.49 -17.97
C GLN A 16 8.01 -17.36 -17.12
N PRO A 17 7.92 -17.47 -15.78
CA PRO A 17 8.50 -16.44 -14.92
C PRO A 17 9.98 -16.25 -15.22
N GLY A 18 10.39 -14.98 -15.30
CA GLY A 18 11.75 -14.62 -15.64
C GLY A 18 11.97 -14.43 -17.13
N GLY A 19 11.16 -15.09 -17.96
CA GLY A 19 11.23 -14.91 -19.39
C GLY A 19 10.70 -13.54 -19.79
N SER A 20 10.68 -13.31 -21.10
CA SER A 20 10.30 -12.01 -21.63
C SER A 20 9.33 -12.19 -22.78
N LEU A 21 8.66 -11.09 -23.14
CA LEU A 21 7.61 -11.09 -24.14
C LEU A 21 7.47 -9.68 -24.68
N ARG A 22 7.21 -9.56 -25.97
CA ARG A 22 7.10 -8.26 -26.63
C ARG A 22 5.72 -8.12 -27.24
N LEU A 23 4.96 -7.14 -26.75
CA LEU A 23 3.66 -6.82 -27.33
C LEU A 23 3.82 -5.70 -28.35
N SER A 24 3.01 -5.78 -29.40
CA SER A 24 3.01 -4.77 -30.47
C SER A 24 1.65 -4.11 -30.50
N CYS A 25 1.62 -2.87 -30.99
CA CYS A 25 0.37 -2.11 -31.11
C CYS A 25 0.43 -1.32 -32.42
N ALA A 26 -0.23 -1.84 -33.44
CA ALA A 26 -0.26 -1.20 -34.75
C ALA A 26 -1.42 -0.22 -34.81
N ALA A 27 -1.13 1.02 -35.20
CA ALA A 27 -2.13 2.07 -35.29
C ALA A 27 -2.51 2.33 -36.75
N SER A 28 -3.81 2.53 -36.98
CA SER A 28 -4.33 2.89 -38.29
C SER A 28 -5.28 4.06 -38.15
N GLY A 29 -5.30 4.94 -39.16
CA GLY A 29 -6.22 6.05 -39.20
C GLY A 29 -5.72 7.33 -38.55
N PHE A 30 -4.59 7.29 -37.83
CA PHE A 30 -4.04 8.50 -37.24
C PHE A 30 -2.52 8.35 -37.15
N ASN A 31 -1.85 9.48 -36.95
CA ASN A 31 -0.40 9.52 -36.80
C ASN A 31 -0.07 9.46 -35.32
N VAL A 32 0.64 8.40 -34.90
CA VAL A 32 0.99 8.25 -33.49
C VAL A 32 1.87 9.40 -33.00
N SER A 33 2.56 10.08 -33.92
CA SER A 33 3.45 11.18 -33.51
C SER A 33 2.68 12.28 -32.80
N TYR A 34 1.40 12.45 -33.09
CA TYR A 34 0.60 13.52 -32.52
C TYR A 34 -0.27 13.07 -31.36
N SER A 35 0.04 11.91 -30.77
CA SER A 35 -0.71 11.40 -29.63
C SER A 35 0.26 10.75 -28.65
N SER A 36 -0.29 10.17 -27.60
CA SER A 36 0.45 9.29 -26.71
C SER A 36 -0.21 7.93 -26.72
N ILE A 37 0.60 6.87 -26.70
CA ILE A 37 0.10 5.50 -26.69
C ILE A 37 0.28 4.95 -25.30
N HIS A 38 -0.75 4.27 -24.80
CA HIS A 38 -0.78 3.77 -23.44
C HIS A 38 -1.01 2.27 -23.44
N TRP A 39 -0.53 1.61 -22.39
CA TRP A 39 -0.84 0.21 -22.12
C TRP A 39 -1.59 0.14 -20.80
N VAL A 40 -2.72 -0.56 -20.82
CA VAL A 40 -3.53 -0.81 -19.64
C VAL A 40 -3.80 -2.30 -19.58
N ARG A 41 -3.72 -2.87 -18.39
CA ARG A 41 -3.89 -4.30 -18.22
C ARG A 41 -4.99 -4.57 -17.20
N GLN A 42 -5.57 -5.76 -17.29
CA GLN A 42 -6.67 -6.16 -16.41
C GLN A 42 -6.48 -7.64 -16.09
N ALA A 43 -6.12 -7.93 -14.85
CA ALA A 43 -6.03 -9.31 -14.40
C ALA A 43 -7.43 -9.93 -14.38
N PRO A 44 -7.52 -11.26 -14.39
CA PRO A 44 -8.85 -11.90 -14.48
C PRO A 44 -9.73 -11.56 -13.29
N GLY A 45 -10.88 -10.98 -13.58
CA GLY A 45 -11.83 -10.60 -12.54
C GLY A 45 -11.45 -9.36 -11.75
N LYS A 46 -10.44 -8.61 -12.20
CA LYS A 46 -9.94 -7.45 -11.47
C LYS A 46 -10.24 -6.17 -12.25
N GLY A 47 -9.82 -5.04 -11.67
CA GLY A 47 -10.03 -3.75 -12.30
C GLY A 47 -8.90 -3.33 -13.22
N LEU A 48 -9.12 -2.22 -13.92
CA LEU A 48 -8.13 -1.71 -14.85
C LEU A 48 -6.92 -1.17 -14.10
N GLU A 49 -5.73 -1.46 -14.64
CA GLU A 49 -4.47 -0.98 -14.08
C GLU A 49 -3.66 -0.32 -15.19
N TRP A 50 -3.34 0.96 -15.03
CA TRP A 50 -2.51 1.64 -16.00
C TRP A 50 -1.06 1.15 -15.88
N VAL A 51 -0.40 0.98 -17.02
CA VAL A 51 0.92 0.35 -17.10
C VAL A 51 2.00 1.33 -17.53
N ALA A 52 1.82 1.98 -18.67
CA ALA A 52 2.85 2.85 -19.22
C ALA A 52 2.27 3.67 -20.36
N TYR A 53 2.98 4.75 -20.72
CA TYR A 53 2.67 5.49 -21.94
C TYR A 53 3.97 5.95 -22.60
N ILE A 54 3.85 6.34 -23.86
CA ILE A 54 4.96 6.92 -24.61
C ILE A 54 4.41 7.98 -25.55
N TYR A 55 5.13 9.09 -25.66
CA TYR A 55 4.90 10.08 -26.70
C TYR A 55 5.89 9.81 -27.82
N PRO A 56 5.49 9.18 -28.93
CA PRO A 56 6.47 8.87 -29.98
C PRO A 56 7.21 10.09 -30.51
N SER A 57 6.60 11.28 -30.41
CA SER A 57 7.25 12.48 -30.93
C SER A 57 8.54 12.79 -30.17
N SER A 58 8.46 12.82 -28.84
CA SER A 58 9.60 13.20 -28.00
C SER A 58 10.37 12.01 -27.46
N GLY A 59 9.77 10.82 -27.43
CA GLY A 59 10.38 9.68 -26.79
C GLY A 59 10.17 9.59 -25.29
N TYR A 60 9.51 10.58 -24.70
CA TYR A 60 9.27 10.55 -23.26
C TYR A 60 8.25 9.49 -22.89
N THR A 61 8.50 8.82 -21.77
CA THR A 61 7.69 7.70 -21.32
C THR A 61 7.35 7.88 -19.85
N SER A 62 6.48 7.01 -19.37
CA SER A 62 6.11 6.95 -17.96
C SER A 62 5.66 5.53 -17.65
N TYR A 63 6.05 5.03 -16.48
CA TYR A 63 5.76 3.65 -16.09
C TYR A 63 5.09 3.60 -14.74
N ALA A 64 4.15 2.67 -14.59
CA ALA A 64 3.56 2.40 -13.29
C ALA A 64 4.60 1.76 -12.37
N ASP A 65 4.43 2.00 -11.07
CA ASP A 65 5.38 1.48 -10.09
C ASP A 65 5.49 -0.04 -10.16
N SER A 66 4.40 -0.72 -10.51
CA SER A 66 4.40 -2.18 -10.49
C SER A 66 5.25 -2.79 -11.61
N VAL A 67 5.56 -2.04 -12.67
CA VAL A 67 6.29 -2.56 -13.81
C VAL A 67 7.58 -1.82 -14.11
N LYS A 68 7.84 -0.67 -13.47
CA LYS A 68 9.04 0.09 -13.81
C LYS A 68 10.28 -0.71 -13.47
N GLY A 69 11.30 -0.59 -14.34
CA GLY A 69 12.48 -1.41 -14.25
C GLY A 69 12.37 -2.78 -14.90
N ARG A 70 11.15 -3.23 -15.21
CA ARG A 70 10.94 -4.53 -15.83
C ARG A 70 10.35 -4.43 -17.23
N PHE A 71 9.39 -3.55 -17.45
CA PHE A 71 8.80 -3.31 -18.76
C PHE A 71 9.43 -2.05 -19.37
N THR A 72 9.54 -2.06 -20.70
CA THR A 72 10.04 -0.91 -21.44
C THR A 72 9.13 -0.65 -22.63
N ILE A 73 8.58 0.56 -22.70
CA ILE A 73 7.71 0.95 -23.79
C ILE A 73 8.54 1.72 -24.82
N SER A 74 8.18 1.54 -26.10
CA SER A 74 8.90 2.19 -27.18
C SER A 74 7.96 2.35 -28.36
N ALA A 75 8.43 3.07 -29.39
CA ALA A 75 7.59 3.36 -30.53
C ALA A 75 8.44 3.54 -31.78
N ASP A 76 7.84 3.23 -32.93
CA ASP A 76 8.47 3.40 -34.24
C ASP A 76 7.49 4.19 -35.10
N THR A 77 7.74 5.49 -35.25
CA THR A 77 6.78 6.34 -35.95
C THR A 77 6.65 5.96 -37.42
N SER A 78 7.74 5.51 -38.05
CA SER A 78 7.66 5.17 -39.48
C SER A 78 6.72 4.01 -39.72
N LYS A 79 6.61 3.09 -38.77
CA LYS A 79 5.65 1.99 -38.84
C LYS A 79 4.35 2.31 -38.12
N ASN A 80 4.26 3.45 -37.44
CA ASN A 80 3.04 3.84 -36.73
C ASN A 80 2.67 2.80 -35.68
N THR A 81 3.67 2.30 -34.97
CA THR A 81 3.50 1.17 -34.06
C THR A 81 4.23 1.42 -32.75
N ALA A 82 3.62 0.96 -31.65
CA ALA A 82 4.21 1.03 -30.33
C ALA A 82 4.44 -0.38 -29.79
N TYR A 83 5.37 -0.48 -28.85
CA TYR A 83 5.78 -1.77 -28.30
C TYR A 83 5.84 -1.72 -26.79
N LEU A 84 5.62 -2.87 -26.16
CA LEU A 84 5.82 -3.05 -24.73
C LEU A 84 6.70 -4.27 -24.53
N GLN A 85 7.97 -4.03 -24.20
CA GLN A 85 8.92 -5.10 -23.91
C GLN A 85 8.81 -5.46 -22.44
N MET A 86 8.40 -6.69 -22.16
CA MET A 86 8.16 -7.14 -20.80
C MET A 86 9.23 -8.16 -20.42
N ASN A 87 10.05 -7.81 -19.45
CA ASN A 87 11.09 -8.68 -18.93
C ASN A 87 10.84 -8.96 -17.44
N SER A 88 11.55 -9.96 -16.91
CA SER A 88 11.44 -10.33 -15.50
C SER A 88 9.97 -10.53 -15.11
N LEU A 89 9.26 -11.32 -15.93
CA LEU A 89 7.84 -11.52 -15.73
C LEU A 89 7.55 -12.32 -14.47
N ARG A 90 6.44 -11.97 -13.81
CA ARG A 90 5.99 -12.66 -12.62
C ARG A 90 4.55 -13.12 -12.83
N ALA A 91 4.10 -14.04 -11.97
CA ALA A 91 2.75 -14.58 -12.07
C ALA A 91 1.70 -13.48 -12.06
N GLU A 92 1.90 -12.45 -11.24
CA GLU A 92 0.91 -11.39 -11.12
C GLU A 92 0.82 -10.51 -12.36
N ASP A 93 1.73 -10.67 -13.32
CA ASP A 93 1.62 -9.97 -14.60
C ASP A 93 0.61 -10.62 -15.53
N THR A 94 0.09 -11.80 -15.17
CA THR A 94 -0.95 -12.43 -15.95
C THR A 94 -2.17 -11.53 -16.02
N ALA A 95 -2.59 -11.19 -17.23
CA ALA A 95 -3.67 -10.23 -17.40
C ALA A 95 -3.94 -10.04 -18.89
N VAL A 96 -5.08 -9.43 -19.20
CA VAL A 96 -5.36 -8.93 -20.54
C VAL A 96 -4.73 -7.56 -20.68
N TYR A 97 -3.92 -7.38 -21.72
CA TYR A 97 -3.20 -6.13 -21.96
C TYR A 97 -3.87 -5.39 -23.10
N TYR A 98 -4.28 -4.15 -22.84
CA TYR A 98 -4.90 -3.30 -23.84
C TYR A 98 -3.93 -2.23 -24.31
N CYS A 99 -3.98 -1.92 -25.60
CA CYS A 99 -3.33 -0.76 -26.15
C CYS A 99 -4.36 0.34 -26.31
N ALA A 100 -3.96 1.58 -26.08
CA ALA A 100 -4.91 2.69 -26.14
C ALA A 100 -4.19 3.96 -26.57
N ARG A 101 -4.97 4.91 -27.07
CA ARG A 101 -4.49 6.17 -27.60
C ARG A 101 -5.09 7.32 -26.81
N SER A 102 -4.30 8.36 -26.59
CA SER A 102 -4.77 9.60 -25.98
C SER A 102 -4.41 10.76 -26.89
N TYR A 103 -5.41 11.57 -27.23
CA TYR A 103 -5.17 12.74 -28.09
C TYR A 103 -6.11 13.86 -27.65
N SER A 104 -5.52 14.95 -27.15
CA SER A 104 -6.28 16.16 -26.81
C SER A 104 -7.41 15.85 -25.82
N THR A 105 -7.16 14.94 -24.88
CA THR A 105 -8.13 14.63 -23.85
C THR A 105 -7.50 14.66 -22.46
N LYS A 106 -6.39 15.37 -22.30
CA LYS A 106 -5.67 15.45 -21.02
C LYS A 106 -5.31 14.06 -20.52
N LEU A 107 -4.75 13.25 -21.42
CA LEU A 107 -4.25 11.91 -21.14
C LEU A 107 -5.37 10.93 -20.79
N ALA A 108 -6.60 11.21 -21.19
CA ALA A 108 -7.62 10.19 -21.24
C ALA A 108 -7.47 9.36 -22.51
N MET A 109 -7.84 8.10 -22.42
CA MET A 109 -7.68 7.16 -23.54
C MET A 109 -9.02 7.04 -24.28
N ASP A 110 -9.06 7.59 -25.49
CA ASP A 110 -10.30 7.63 -26.26
C ASP A 110 -10.48 6.42 -27.16
N TYR A 111 -9.41 5.84 -27.69
CA TYR A 111 -9.49 4.64 -28.51
C TYR A 111 -8.72 3.51 -27.85
N TRP A 112 -9.29 2.31 -27.91
CA TRP A 112 -8.70 1.12 -27.29
C TRP A 112 -8.63 -0.02 -28.30
N GLY A 113 -7.58 -0.83 -28.19
CA GLY A 113 -7.54 -2.08 -28.90
C GLY A 113 -8.41 -3.12 -28.22
N GLN A 114 -8.54 -4.29 -28.86
CA GLN A 114 -9.40 -5.33 -28.32
C GLN A 114 -8.72 -6.13 -27.22
N GLY A 115 -7.41 -6.05 -27.10
CA GLY A 115 -6.70 -6.68 -26.01
C GLY A 115 -6.10 -8.02 -26.39
N THR A 116 -5.02 -8.38 -25.70
CA THR A 116 -4.33 -9.65 -25.91
C THR A 116 -3.92 -10.21 -24.56
N LEU A 117 -4.10 -11.53 -24.40
CA LEU A 117 -3.86 -12.18 -23.12
C LEU A 117 -2.38 -12.54 -22.96
N VAL A 118 -1.86 -12.27 -21.77
CA VAL A 118 -0.52 -12.68 -21.37
C VAL A 118 -0.66 -13.53 -20.11
N THR A 119 -0.18 -14.76 -20.17
CA THR A 119 -0.34 -15.71 -19.08
C THR A 119 1.04 -16.20 -18.66
N VAL A 120 1.39 -15.95 -17.40
CA VAL A 120 2.68 -16.32 -16.84
C VAL A 120 2.49 -17.59 -16.02
N PHE A 121 3.04 -18.70 -16.50
CA PHE A 121 2.80 -20.02 -15.91
C PHE A 121 4.12 -20.63 -15.46
N ASN A 122 4.10 -21.27 -14.30
CA ASN A 122 5.21 -22.13 -13.89
C ASN A 122 4.97 -23.59 -14.30
N GLN A 123 3.72 -24.06 -14.22
CA GLN A 123 3.38 -25.43 -14.59
C GLN A 123 2.24 -25.42 -15.60
N ILE A 124 2.17 -26.49 -16.39
CA ILE A 124 1.01 -26.80 -17.22
C ILE A 124 0.40 -28.09 -16.71
N LYS A 125 -0.92 -28.11 -16.57
CA LYS A 125 -1.64 -29.34 -16.25
C LYS A 125 -3.02 -29.29 -16.87
N GLY A 126 -3.37 -30.35 -17.61
CA GLY A 126 -4.68 -30.46 -18.20
C GLY A 126 -5.68 -30.92 -17.16
N PRO A 127 -6.95 -30.52 -17.29
CA PRO A 127 -7.95 -30.88 -16.30
C PRO A 127 -8.45 -32.31 -16.49
N SER A 128 -9.13 -32.79 -15.45
CA SER A 128 -9.99 -33.95 -15.55
C SER A 128 -11.43 -33.48 -15.43
N VAL A 129 -12.32 -34.12 -16.19
CA VAL A 129 -13.70 -33.68 -16.34
C VAL A 129 -14.60 -34.75 -15.74
N PHE A 130 -15.55 -34.32 -14.91
CA PHE A 130 -16.46 -35.22 -14.24
C PHE A 130 -17.89 -34.70 -14.40
N PRO A 131 -18.87 -35.61 -14.52
CA PRO A 131 -20.25 -35.18 -14.66
C PRO A 131 -20.83 -34.69 -13.34
N LEU A 132 -21.86 -33.85 -13.46
CA LEU A 132 -22.69 -33.40 -12.35
C LEU A 132 -24.11 -33.85 -12.68
N ALA A 133 -24.46 -35.06 -12.26
CA ALA A 133 -25.73 -35.65 -12.61
C ALA A 133 -26.77 -35.40 -11.52
N PRO A 134 -28.02 -35.09 -11.87
CA PRO A 134 -29.06 -34.92 -10.85
C PRO A 134 -29.58 -36.26 -10.37
N SER A 135 -30.32 -36.21 -9.26
CA SER A 135 -30.87 -37.41 -8.65
C SER A 135 -32.19 -37.83 -9.30
N SER A 136 -33.27 -37.16 -8.93
CA SER A 136 -34.59 -37.53 -9.43
C SER A 136 -35.63 -36.48 -9.03
N SER A 140 -39.31 -34.70 -10.57
CA SER A 140 -39.05 -33.48 -9.80
C SER A 140 -39.85 -32.32 -10.41
N GLY A 141 -39.29 -31.11 -10.34
CA GLY A 141 -39.99 -29.93 -10.79
C GLY A 141 -39.97 -29.79 -12.30
N GLY A 142 -40.30 -28.57 -12.75
CA GLY A 142 -40.27 -28.27 -14.17
C GLY A 142 -38.90 -27.96 -14.73
N THR A 143 -37.90 -27.84 -13.87
CA THR A 143 -36.54 -27.52 -14.28
C THR A 143 -35.59 -28.54 -13.69
N ALA A 144 -34.68 -29.05 -14.52
CA ALA A 144 -33.64 -29.96 -14.08
C ALA A 144 -32.28 -29.35 -14.32
N ALA A 145 -31.32 -29.68 -13.46
CA ALA A 145 -29.97 -29.14 -13.54
C ALA A 145 -28.97 -30.28 -13.76
N LEU A 146 -27.97 -30.00 -14.60
CA LEU A 146 -26.86 -30.91 -14.81
C LEU A 146 -25.64 -30.07 -15.18
N GLY A 147 -24.47 -30.67 -15.12
CA GLY A 147 -23.27 -29.89 -15.38
C GLY A 147 -22.04 -30.75 -15.49
N CYS A 148 -20.89 -30.08 -15.57
CA CYS A 148 -19.59 -30.72 -15.68
C CYS A 148 -18.63 -30.03 -14.73
N LEU A 149 -17.87 -30.84 -14.00
CA LEU A 149 -16.85 -30.35 -13.08
C LEU A 149 -15.49 -30.46 -13.76
N VAL A 150 -14.84 -29.32 -14.00
CA VAL A 150 -13.53 -29.26 -14.65
C VAL A 150 -12.51 -28.96 -13.56
N LYS A 151 -11.71 -29.96 -13.21
CA LYS A 151 -10.90 -29.95 -12.00
C LYS A 151 -9.42 -30.08 -12.31
N ASP A 152 -8.60 -29.35 -11.55
CA ASP A 152 -7.15 -29.53 -11.50
C ASP A 152 -6.51 -29.23 -12.86
N TYR A 153 -6.54 -27.94 -13.20
CA TYR A 153 -5.85 -27.46 -14.38
C TYR A 153 -5.05 -26.21 -14.05
N PHE A 154 -4.05 -25.95 -14.89
CA PHE A 154 -3.23 -24.76 -14.77
C PHE A 154 -2.45 -24.54 -16.07
N PRO A 155 -2.37 -23.29 -16.54
CA PRO A 155 -2.99 -22.07 -16.01
C PRO A 155 -4.40 -21.89 -16.55
N GLU A 156 -4.99 -20.72 -16.31
CA GLU A 156 -6.25 -20.38 -16.96
C GLU A 156 -5.99 -20.08 -18.43
N PRO A 157 -7.03 -20.13 -19.27
CA PRO A 157 -8.42 -20.49 -18.99
C PRO A 157 -8.84 -21.85 -19.54
N VAL A 158 -10.03 -22.28 -19.16
CA VAL A 158 -10.75 -23.34 -19.86
C VAL A 158 -12.00 -22.72 -20.47
N THR A 159 -12.40 -23.25 -21.62
CA THR A 159 -13.65 -22.88 -22.24
C THR A 159 -14.59 -24.08 -22.25
N VAL A 160 -15.84 -23.86 -21.90
CA VAL A 160 -16.84 -24.91 -21.77
C VAL A 160 -18.05 -24.51 -22.59
N SER A 161 -18.39 -25.32 -23.60
CA SER A 161 -19.61 -25.17 -24.36
C SER A 161 -20.46 -26.42 -24.18
N TRP A 162 -21.73 -26.32 -24.57
CA TRP A 162 -22.68 -27.41 -24.41
C TRP A 162 -23.27 -27.75 -25.78
N ASN A 163 -23.20 -29.04 -26.13
CA ASN A 163 -23.69 -29.53 -27.41
C ASN A 163 -23.04 -28.76 -28.56
N SER A 164 -21.72 -28.62 -28.49
CA SER A 164 -20.93 -27.98 -29.53
C SER A 164 -21.41 -26.56 -29.80
N GLY A 165 -21.84 -25.87 -28.76
CA GLY A 165 -22.29 -24.49 -28.86
C GLY A 165 -23.77 -24.32 -29.15
N ALA A 166 -24.49 -25.41 -29.49
CA ALA A 166 -25.91 -25.29 -29.78
C ALA A 166 -26.72 -24.86 -28.56
N LEU A 167 -26.25 -25.19 -27.37
CA LEU A 167 -27.01 -24.98 -26.13
C LEU A 167 -26.35 -23.86 -25.34
N THR A 168 -27.02 -22.70 -25.29
CA THR A 168 -26.55 -21.54 -24.54
C THR A 168 -27.54 -21.05 -23.49
N SER A 169 -28.83 -21.27 -23.70
CA SER A 169 -29.82 -20.83 -22.73
C SER A 169 -29.72 -21.66 -21.45
N GLY A 170 -29.70 -20.98 -20.31
CA GLY A 170 -29.63 -21.65 -19.03
C GLY A 170 -28.24 -22.07 -18.58
N VAL A 171 -27.21 -21.75 -19.33
CA VAL A 171 -25.85 -22.18 -19.02
C VAL A 171 -25.22 -21.19 -18.06
N HIS A 172 -24.62 -21.70 -16.99
CA HIS A 172 -23.82 -20.89 -16.08
C HIS A 172 -22.46 -21.56 -15.94
N THR A 173 -21.43 -20.91 -16.48
CA THR A 173 -20.05 -21.35 -16.31
C THR A 173 -19.40 -20.43 -15.29
N PHE A 174 -19.12 -20.96 -14.11
CA PHE A 174 -18.65 -20.14 -13.00
C PHE A 174 -17.18 -19.76 -13.17
N PRO A 175 -16.75 -18.64 -12.59
CA PRO A 175 -15.32 -18.32 -12.61
C PRO A 175 -14.53 -19.35 -11.83
N ALA A 176 -13.31 -19.61 -12.30
CA ALA A 176 -12.46 -20.61 -11.67
C ALA A 176 -12.03 -20.16 -10.28
N VAL A 177 -11.87 -21.13 -9.38
CA VAL A 177 -11.35 -20.89 -8.04
C VAL A 177 -9.98 -21.53 -7.95
N LEU A 178 -9.02 -20.80 -7.41
CA LEU A 178 -7.67 -21.34 -7.20
C LEU A 178 -7.68 -22.15 -5.91
N GLN A 179 -7.51 -23.46 -6.06
CA GLN A 179 -7.51 -24.34 -4.89
C GLN A 179 -6.20 -24.20 -4.12
N SER A 180 -6.20 -24.73 -2.89
CA SER A 180 -5.00 -24.65 -2.07
C SER A 180 -3.84 -25.45 -2.65
N SER A 181 -4.13 -26.44 -3.51
CA SER A 181 -3.10 -27.19 -4.18
C SER A 181 -2.37 -26.36 -5.24
N GLY A 182 -2.85 -25.16 -5.55
CA GLY A 182 -2.27 -24.34 -6.59
C GLY A 182 -2.85 -24.58 -7.98
N LEU A 183 -3.87 -25.43 -8.10
CA LEU A 183 -4.51 -25.73 -9.36
C LEU A 183 -5.92 -25.14 -9.39
N TYR A 184 -6.40 -24.84 -10.60
CA TYR A 184 -7.71 -24.24 -10.75
C TYR A 184 -8.80 -25.30 -10.85
N SER A 185 -10.03 -24.85 -10.65
CA SER A 185 -11.20 -25.72 -10.75
C SER A 185 -12.43 -24.84 -10.98
N LEU A 186 -13.30 -25.27 -11.90
CA LEU A 186 -14.56 -24.58 -12.12
C LEU A 186 -15.64 -25.60 -12.45
N SER A 187 -16.88 -25.18 -12.27
CA SER A 187 -18.04 -25.97 -12.64
C SER A 187 -18.83 -25.22 -13.71
N SER A 188 -19.39 -25.98 -14.65
CA SER A 188 -20.31 -25.45 -15.64
C SER A 188 -21.61 -26.22 -15.54
N VAL A 189 -22.72 -25.50 -15.41
CA VAL A 189 -24.04 -26.11 -15.24
C VAL A 189 -24.99 -25.52 -16.27
N VAL A 190 -26.01 -26.30 -16.62
CA VAL A 190 -27.10 -25.82 -17.45
C VAL A 190 -28.40 -26.37 -16.87
N THR A 191 -29.41 -25.50 -16.79
CA THR A 191 -30.75 -25.93 -16.41
C THR A 191 -31.58 -26.10 -17.67
N VAL A 192 -32.36 -27.17 -17.70
CA VAL A 192 -33.18 -27.50 -18.86
C VAL A 192 -34.57 -27.91 -18.39
N PRO A 193 -35.55 -27.89 -19.30
CA PRO A 193 -36.87 -28.40 -18.93
C PRO A 193 -36.78 -29.88 -18.58
N SER A 194 -37.48 -30.28 -17.52
CA SER A 194 -37.50 -31.68 -17.14
C SER A 194 -38.03 -32.56 -18.26
N SER A 195 -38.96 -32.03 -19.07
CA SER A 195 -39.51 -32.80 -20.18
C SER A 195 -38.45 -33.12 -21.23
N SER A 196 -37.33 -32.39 -21.25
CA SER A 196 -36.28 -32.64 -22.23
C SER A 196 -35.45 -33.86 -21.88
N LEU A 197 -35.31 -34.19 -20.60
CA LEU A 197 -34.54 -35.36 -20.20
C LEU A 197 -35.14 -36.63 -20.82
N GLY A 198 -34.27 -37.49 -21.34
CA GLY A 198 -34.69 -38.72 -21.97
C GLY A 198 -34.92 -38.62 -23.45
N THR A 199 -35.08 -37.42 -23.99
CA THR A 199 -35.12 -37.18 -25.44
C THR A 199 -33.95 -36.37 -25.94
N GLN A 200 -33.43 -35.45 -25.13
CA GLN A 200 -32.32 -34.59 -25.52
C GLN A 200 -31.04 -35.06 -24.83
N THR A 201 -29.95 -35.07 -25.60
CA THR A 201 -28.64 -35.45 -25.10
C THR A 201 -27.84 -34.20 -24.74
N TYR A 202 -27.12 -34.26 -23.62
CA TYR A 202 -26.37 -33.12 -23.12
C TYR A 202 -24.90 -33.49 -22.98
N ILE A 203 -24.05 -32.81 -23.75
CA ILE A 203 -22.61 -33.05 -23.77
C ILE A 203 -21.93 -31.73 -23.47
N CYS A 204 -20.98 -31.74 -22.55
CA CYS A 204 -20.14 -30.57 -22.29
C CYS A 204 -18.81 -30.76 -22.99
N ASN A 205 -18.38 -29.74 -23.73
CA ASN A 205 -17.13 -29.76 -24.48
C ASN A 205 -16.15 -28.86 -23.74
N VAL A 206 -15.08 -29.46 -23.22
CA VAL A 206 -14.07 -28.75 -22.43
C VAL A 206 -12.82 -28.61 -23.27
N ASN A 207 -12.20 -27.43 -23.20
CA ASN A 207 -11.00 -27.13 -23.97
C ASN A 207 -10.04 -26.36 -23.09
N HIS A 208 -8.89 -26.97 -22.82
CA HIS A 208 -7.78 -26.31 -22.11
C HIS A 208 -6.60 -26.26 -23.07
N LYS A 209 -6.41 -25.12 -23.71
CA LYS A 209 -5.47 -25.00 -24.83
C LYS A 209 -4.00 -25.07 -24.38
N PRO A 210 -3.65 -24.55 -23.21
CA PRO A 210 -2.25 -24.71 -22.76
C PRO A 210 -1.79 -26.15 -22.67
N SER A 211 -2.67 -27.08 -22.32
CA SER A 211 -2.33 -28.50 -22.27
C SER A 211 -2.85 -29.28 -23.47
N ASN A 212 -3.45 -28.59 -24.44
CA ASN A 212 -3.96 -29.25 -25.65
C ASN A 212 -4.96 -30.34 -25.31
N THR A 213 -5.78 -30.08 -24.30
CA THR A 213 -6.75 -31.06 -23.80
C THR A 213 -8.14 -30.71 -24.34
N LYS A 214 -8.77 -31.70 -25.00
CA LYS A 214 -10.12 -31.55 -25.52
C LYS A 214 -10.93 -32.76 -25.07
N VAL A 215 -12.03 -32.50 -24.35
CA VAL A 215 -12.84 -33.55 -23.76
C VAL A 215 -14.31 -33.26 -24.02
N ASP A 216 -15.04 -34.26 -24.51
CA ASP A 216 -16.50 -34.20 -24.63
C ASP A 216 -17.08 -35.25 -23.69
N LYS A 217 -17.81 -34.79 -22.68
CA LYS A 217 -18.33 -35.66 -21.63
C LYS A 217 -19.85 -35.62 -21.67
N LYS A 218 -20.47 -36.78 -21.91
CA LYS A 218 -21.92 -36.89 -21.87
C LYS A 218 -22.39 -36.96 -20.43
N VAL A 219 -23.51 -36.29 -20.14
CA VAL A 219 -24.00 -36.14 -18.78
C VAL A 219 -25.42 -36.69 -18.70
N GLU A 220 -25.66 -37.53 -17.71
CA GLU A 220 -27.01 -38.02 -17.41
C GLU A 220 -27.62 -37.23 -16.26
N GLU B 4 27.67 14.84 29.73
CA GLU B 4 26.64 13.91 29.31
C GLU B 4 25.74 14.51 28.22
N VAL B 5 25.47 13.73 27.19
CA VAL B 5 24.58 14.14 26.11
C VAL B 5 23.14 13.84 26.53
N GLN B 6 22.32 14.89 26.59
CA GLN B 6 20.93 14.78 26.99
C GLN B 6 20.02 15.33 25.89
N LEU B 7 18.85 14.71 25.75
CA LEU B 7 17.79 15.20 24.88
C LEU B 7 16.49 15.17 25.69
N VAL B 8 16.02 16.34 26.11
CA VAL B 8 14.84 16.46 26.97
C VAL B 8 13.67 16.94 26.12
N GLU B 9 12.60 16.16 26.09
CA GLU B 9 11.41 16.47 25.33
C GLU B 9 10.31 17.01 26.24
N SER B 10 9.48 17.89 25.69
CA SER B 10 8.39 18.48 26.44
C SER B 10 7.32 18.94 25.45
N GLY B 11 6.15 19.27 25.99
CA GLY B 11 5.05 19.75 25.20
C GLY B 11 4.01 18.71 24.83
N GLY B 12 4.17 17.47 25.29
CA GLY B 12 3.23 16.42 24.98
C GLY B 12 1.94 16.54 25.77
N GLY B 13 1.09 15.54 25.62
CA GLY B 13 -0.17 15.49 26.34
C GLY B 13 -1.39 15.34 25.46
N LEU B 14 -2.51 15.89 25.90
CA LEU B 14 -3.77 15.78 25.18
C LEU B 14 -3.88 16.88 24.13
N VAL B 15 -4.56 16.57 23.03
CA VAL B 15 -4.81 17.54 21.98
C VAL B 15 -5.99 17.06 21.16
N GLN B 16 -6.77 18.02 20.61
CA GLN B 16 -7.95 17.74 19.81
C GLN B 16 -7.64 17.87 18.31
N PRO B 17 -8.35 17.14 17.46
CA PRO B 17 -8.27 17.42 16.02
C PRO B 17 -8.70 18.85 15.75
N GLY B 18 -7.99 19.52 14.84
CA GLY B 18 -8.22 20.91 14.59
C GLY B 18 -7.43 21.84 15.51
N GLY B 19 -6.94 21.33 16.63
CA GLY B 19 -5.96 22.04 17.43
C GLY B 19 -4.55 21.77 16.93
N SER B 20 -3.59 22.26 17.70
CA SER B 20 -2.19 22.07 17.35
C SER B 20 -1.38 21.86 18.62
N LEU B 21 -0.16 21.38 18.45
CA LEU B 21 0.68 21.01 19.56
C LEU B 21 2.14 21.14 19.14
N ARG B 22 2.96 21.69 20.03
CA ARG B 22 4.36 21.99 19.76
C ARG B 22 5.23 21.17 20.71
N LEU B 23 5.93 20.18 20.17
CA LEU B 23 6.90 19.43 20.96
C LEU B 23 8.26 20.11 20.88
N SER B 24 8.99 20.08 21.99
CA SER B 24 10.33 20.65 22.07
C SER B 24 11.34 19.54 22.36
N CYS B 25 12.58 19.76 21.92
CA CYS B 25 13.67 18.83 22.20
C CYS B 25 14.91 19.65 22.55
N ALA B 26 15.17 19.80 23.84
CA ALA B 26 16.31 20.55 24.33
C ALA B 26 17.54 19.64 24.39
N ALA B 27 18.61 20.04 23.74
CA ALA B 27 19.84 19.26 23.67
C ALA B 27 20.88 19.82 24.62
N SER B 28 21.65 18.92 25.23
CA SER B 28 22.77 19.28 26.08
C SER B 28 23.95 18.36 25.79
N GLY B 29 25.15 18.89 25.93
CA GLY B 29 26.35 18.12 25.73
C GLY B 29 26.87 18.09 24.31
N PHE B 30 26.14 18.67 23.36
CA PHE B 30 26.63 18.77 21.98
C PHE B 30 25.92 19.92 21.29
N ASN B 31 26.51 20.37 20.19
CA ASN B 31 25.96 21.45 19.38
C ASN B 31 25.07 20.85 18.30
N VAL B 32 23.77 21.18 18.34
CA VAL B 32 22.84 20.61 17.37
C VAL B 32 23.20 21.03 15.95
N SER B 33 23.96 22.11 15.78
CA SER B 33 24.37 22.53 14.45
C SER B 33 25.19 21.45 13.75
N TYR B 34 25.93 20.64 14.51
CA TYR B 34 26.78 19.62 13.93
C TYR B 34 26.12 18.24 13.89
N SER B 35 24.79 18.20 13.99
CA SER B 35 24.05 16.95 13.90
C SER B 35 22.78 17.19 13.10
N SER B 36 22.00 16.12 12.93
CA SER B 36 20.62 16.22 12.53
C SER B 36 19.76 15.73 13.69
N ILE B 37 18.64 16.39 13.91
CA ILE B 37 17.68 15.99 14.94
C ILE B 37 16.50 15.33 14.25
N HIS B 38 16.05 14.21 14.82
CA HIS B 38 14.98 13.41 14.26
C HIS B 38 13.86 13.27 15.26
N TRP B 39 12.64 13.09 14.74
CA TRP B 39 11.50 12.69 15.56
C TRP B 39 11.03 11.32 15.11
N VAL B 40 10.92 10.40 16.07
CA VAL B 40 10.42 9.06 15.84
C VAL B 40 9.27 8.83 16.80
N ARG B 41 8.20 8.20 16.32
CA ARG B 41 7.04 7.96 17.16
C ARG B 41 6.71 6.47 17.19
N GLN B 42 5.96 6.09 18.23
CA GLN B 42 5.61 4.69 18.46
C GLN B 42 4.19 4.65 19.01
N ALA B 43 3.25 4.19 18.19
CA ALA B 43 1.88 4.02 18.65
C ALA B 43 1.82 2.86 19.64
N PRO B 44 0.79 2.82 20.48
CA PRO B 44 0.74 1.80 21.54
C PRO B 44 0.77 0.39 20.97
N GLY B 45 1.76 -0.39 21.40
CA GLY B 45 1.91 -1.77 20.97
C GLY B 45 2.44 -1.94 19.56
N LYS B 46 2.95 -0.89 18.95
CA LYS B 46 3.39 -0.91 17.56
C LYS B 46 4.89 -0.68 17.48
N GLY B 47 5.40 -0.63 16.26
CA GLY B 47 6.82 -0.44 16.02
C GLY B 47 7.20 1.02 15.87
N LEU B 48 8.50 1.24 15.70
CA LEU B 48 9.02 2.59 15.52
C LEU B 48 8.66 3.10 14.14
N GLU B 49 8.20 4.35 14.07
CA GLU B 49 7.88 5.01 12.82
C GLU B 49 8.65 6.32 12.75
N TRP B 50 9.49 6.45 11.73
CA TRP B 50 10.24 7.70 11.54
C TRP B 50 9.29 8.79 11.05
N VAL B 51 9.50 10.01 11.57
CA VAL B 51 8.57 11.13 11.35
C VAL B 51 9.23 12.24 10.53
N ALA B 52 10.36 12.76 11.01
CA ALA B 52 10.99 13.89 10.35
C ALA B 52 12.41 14.05 10.88
N TYR B 53 13.21 14.81 10.13
CA TYR B 53 14.50 15.27 10.64
C TYR B 53 14.74 16.71 10.19
N ILE B 54 15.65 17.36 10.89
CA ILE B 54 16.13 18.69 10.50
C ILE B 54 17.64 18.74 10.74
N TYR B 55 18.35 19.40 9.83
CA TYR B 55 19.73 19.80 10.04
C TYR B 55 19.72 21.26 10.46
N PRO B 56 19.91 21.58 11.74
CA PRO B 56 19.87 23.00 12.15
C PRO B 56 20.90 23.87 11.47
N SER B 57 22.01 23.30 10.98
CA SER B 57 23.03 24.12 10.32
C SER B 57 22.48 24.74 9.03
N SER B 58 21.89 23.92 8.16
CA SER B 58 21.42 24.36 6.85
C SER B 58 19.92 24.67 6.81
N GLY B 59 19.14 24.15 7.76
CA GLY B 59 17.70 24.30 7.73
C GLY B 59 16.97 23.26 6.90
N TYR B 60 17.69 22.35 6.25
CA TYR B 60 17.06 21.35 5.42
C TYR B 60 16.33 20.32 6.29
N THR B 61 15.15 19.90 5.83
CA THR B 61 14.29 18.99 6.56
C THR B 61 13.84 17.86 5.65
N SER B 62 13.20 16.86 6.25
CA SER B 62 12.60 15.75 5.53
C SER B 62 11.42 15.24 6.34
N TYR B 63 10.37 14.82 5.65
CA TYR B 63 9.13 14.43 6.29
C TYR B 63 8.65 13.08 5.78
N ALA B 64 8.22 12.23 6.71
CA ALA B 64 7.55 11.01 6.31
C ALA B 64 6.23 11.33 5.62
N ASP B 65 5.80 10.43 4.73
CA ASP B 65 4.56 10.65 4.00
C ASP B 65 3.38 10.84 4.94
N SER B 66 3.34 10.09 6.04
CA SER B 66 2.20 10.10 6.94
C SER B 66 1.98 11.43 7.64
N VAL B 67 2.96 12.34 7.63
CA VAL B 67 2.85 13.59 8.40
C VAL B 67 3.17 14.81 7.54
N LYS B 68 3.68 14.59 6.33
CA LYS B 68 4.07 15.74 5.51
C LYS B 68 2.84 16.56 5.15
N GLY B 69 2.99 17.88 5.16
CA GLY B 69 1.87 18.79 5.01
C GLY B 69 1.08 19.03 6.28
N ARG B 70 1.38 18.31 7.36
CA ARG B 70 0.68 18.46 8.63
C ARG B 70 1.60 18.81 9.78
N PHE B 71 2.76 18.17 9.87
CA PHE B 71 3.77 18.51 10.88
C PHE B 71 4.85 19.38 10.23
N THR B 72 5.47 20.24 11.03
CA THR B 72 6.58 21.07 10.60
C THR B 72 7.68 21.02 11.65
N ILE B 73 8.88 20.60 11.24
CA ILE B 73 10.02 20.50 12.13
C ILE B 73 10.89 21.75 11.94
N SER B 74 11.42 22.27 13.03
CA SER B 74 12.26 23.46 12.99
C SER B 74 13.27 23.38 14.13
N ALA B 75 14.15 24.37 14.19
CA ALA B 75 15.22 24.37 15.18
C ALA B 75 15.66 25.80 15.47
N ASP B 76 16.19 26.00 16.67
CA ASP B 76 16.76 27.27 17.10
C ASP B 76 18.15 26.96 17.67
N THR B 77 19.19 27.26 16.90
CA THR B 77 20.55 26.90 17.31
C THR B 77 20.98 27.66 18.57
N SER B 78 20.48 28.88 18.77
CA SER B 78 20.88 29.66 19.94
C SER B 78 20.31 29.07 21.22
N LYS B 79 19.19 28.37 21.14
CA LYS B 79 18.63 27.62 22.26
C LYS B 79 19.05 26.16 22.24
N ASN B 80 19.75 25.71 21.19
CA ASN B 80 20.16 24.32 21.08
C ASN B 80 18.96 23.39 21.19
N THR B 81 17.86 23.76 20.52
CA THR B 81 16.58 23.08 20.67
C THR B 81 15.94 22.88 19.30
N ALA B 82 15.24 21.76 19.15
CA ALA B 82 14.46 21.44 17.96
C ALA B 82 12.99 21.32 18.34
N TYR B 83 12.12 21.50 17.35
CA TYR B 83 10.68 21.55 17.58
C TYR B 83 9.95 20.71 16.54
N LEU B 84 8.79 20.21 16.94
CA LEU B 84 7.86 19.54 16.02
C LEU B 84 6.50 20.20 16.21
N GLN B 85 6.09 20.99 15.21
CA GLN B 85 4.78 21.64 15.23
C GLN B 85 3.77 20.72 14.57
N MET B 86 2.79 20.27 15.34
CA MET B 86 1.82 19.28 14.87
C MET B 86 0.48 19.98 14.65
N ASN B 87 0.07 20.05 13.38
CA ASN B 87 -1.25 20.56 13.01
C ASN B 87 -2.02 19.47 12.29
N SER B 88 -3.28 19.76 11.98
CA SER B 88 -4.17 18.83 11.28
C SER B 88 -4.10 17.45 11.91
N LEU B 89 -4.27 17.41 13.23
CA LEU B 89 -4.07 16.19 13.98
C LEU B 89 -5.16 15.17 13.67
N ARG B 90 -4.75 13.89 13.67
CA ARG B 90 -5.65 12.75 13.47
C ARG B 90 -5.52 11.80 14.64
N ALA B 91 -6.55 10.94 14.80
CA ALA B 91 -6.51 9.93 15.85
C ALA B 91 -5.27 9.04 15.72
N GLU B 92 -4.82 8.80 14.50
CA GLU B 92 -3.66 7.93 14.28
C GLU B 92 -2.34 8.58 14.67
N ASP B 93 -2.35 9.86 15.05
CA ASP B 93 -1.15 10.50 15.55
C ASP B 93 -0.90 10.23 17.03
N THR B 94 -1.86 9.61 17.73
CA THR B 94 -1.63 9.20 19.11
C THR B 94 -0.43 8.27 19.17
N ALA B 95 0.58 8.64 19.96
CA ALA B 95 1.80 7.84 20.02
C ALA B 95 2.72 8.45 21.05
N VAL B 96 3.73 7.68 21.43
CA VAL B 96 4.90 8.23 22.13
C VAL B 96 5.85 8.81 21.09
N TYR B 97 6.23 10.07 21.27
CA TYR B 97 7.10 10.77 20.33
C TYR B 97 8.50 10.88 20.93
N TYR B 98 9.49 10.35 20.22
CA TYR B 98 10.87 10.38 20.65
C TYR B 98 11.64 11.44 19.87
N CYS B 99 12.55 12.12 20.55
CA CYS B 99 13.55 12.95 19.92
C CYS B 99 14.86 12.18 19.87
N ALA B 100 15.60 12.34 18.77
CA ALA B 100 16.84 11.61 18.61
C ALA B 100 17.83 12.42 17.80
N ARG B 101 19.11 12.11 17.99
CA ARG B 101 20.23 12.80 17.38
C ARG B 101 20.99 11.85 16.48
N SER B 102 21.45 12.35 15.34
CA SER B 102 22.31 11.60 14.43
C SER B 102 23.58 12.38 14.17
N TYR B 103 24.72 11.73 14.37
CA TYR B 103 26.01 12.40 14.20
C TYR B 103 27.03 11.39 13.67
N SER B 104 27.44 11.57 12.42
CA SER B 104 28.51 10.78 11.82
C SER B 104 28.19 9.28 11.85
N THR B 105 26.91 8.94 11.67
CA THR B 105 26.48 7.55 11.67
C THR B 105 25.62 7.22 10.45
N LYS B 106 25.74 8.00 9.38
CA LYS B 106 24.94 7.81 8.18
C LYS B 106 23.44 7.84 8.52
N LEU B 107 23.06 8.82 9.32
CA LEU B 107 21.68 9.11 9.68
C LEU B 107 21.07 8.05 10.59
N ALA B 108 21.90 7.24 11.24
CA ALA B 108 21.44 6.47 12.38
C ALA B 108 21.35 7.35 13.61
N MET B 109 20.47 7.00 14.53
CA MET B 109 20.19 7.80 15.71
C MET B 109 20.91 7.20 16.92
N ASP B 110 21.91 7.92 17.42
CA ASP B 110 22.76 7.39 18.49
C ASP B 110 22.32 7.81 19.89
N TYR B 111 21.64 8.95 20.03
CA TYR B 111 21.10 9.38 21.31
C TYR B 111 19.61 9.66 21.18
N TRP B 112 18.84 9.21 22.16
CA TRP B 112 17.39 9.32 22.15
C TRP B 112 16.91 10.00 23.43
N GLY B 113 15.86 10.81 23.31
CA GLY B 113 15.21 11.36 24.47
C GLY B 113 14.37 10.30 25.18
N GLN B 114 13.76 10.71 26.29
CA GLN B 114 12.97 9.77 27.07
C GLN B 114 11.64 9.44 26.38
N GLY B 115 11.12 10.35 25.60
CA GLY B 115 9.84 10.15 24.93
C GLY B 115 8.71 10.83 25.68
N THR B 116 7.71 11.29 24.93
CA THR B 116 6.55 11.97 25.50
C THR B 116 5.30 11.51 24.76
N LEU B 117 4.23 11.28 25.51
CA LEU B 117 2.99 10.77 24.96
C LEU B 117 2.13 11.90 24.41
N VAL B 118 1.65 11.73 23.19
CA VAL B 118 0.67 12.62 22.58
C VAL B 118 -0.59 11.82 22.36
N THR B 119 -1.68 12.26 22.98
CA THR B 119 -2.96 11.57 22.89
C THR B 119 -3.92 12.45 22.12
N VAL B 120 -4.22 12.05 20.89
CA VAL B 120 -5.21 12.78 20.09
C VAL B 120 -6.57 12.24 20.49
N PHE B 121 -7.36 13.08 21.15
CA PHE B 121 -8.73 12.74 21.54
C PHE B 121 -9.65 13.78 20.94
N ASN B 122 -10.93 13.76 21.29
CA ASN B 122 -11.92 14.42 20.45
C ASN B 122 -13.24 14.40 21.19
N GLN B 123 -13.58 13.22 21.67
CA GLN B 123 -14.61 13.03 22.67
C GLN B 123 -13.96 12.53 23.96
N ILE B 124 -14.71 12.64 25.05
CA ILE B 124 -14.37 11.95 26.29
C ILE B 124 -15.59 11.13 26.68
N LYS B 125 -15.36 9.84 26.93
CA LYS B 125 -16.44 8.93 27.29
C LYS B 125 -15.94 8.03 28.42
N GLY B 126 -16.70 7.97 29.50
CA GLY B 126 -16.36 7.13 30.63
C GLY B 126 -16.75 5.69 30.38
N PRO B 127 -16.05 4.76 31.03
CA PRO B 127 -16.35 3.34 30.80
C PRO B 127 -17.54 2.86 31.60
N SER B 128 -18.18 1.82 31.08
CA SER B 128 -19.08 0.98 31.86
C SER B 128 -18.34 -0.29 32.23
N VAL B 129 -18.61 -0.78 33.45
CA VAL B 129 -17.89 -1.91 34.01
C VAL B 129 -18.86 -3.05 34.27
N PHE B 130 -18.53 -4.23 33.75
CA PHE B 130 -19.38 -5.41 33.91
C PHE B 130 -18.56 -6.55 34.50
N PRO B 131 -19.17 -7.39 35.33
CA PRO B 131 -18.42 -8.50 35.93
C PRO B 131 -18.16 -9.61 34.94
N LEU B 132 -17.12 -10.39 35.22
CA LEU B 132 -16.86 -11.66 34.56
C LEU B 132 -16.94 -12.72 35.66
N ALA B 133 -18.13 -13.34 35.79
CA ALA B 133 -18.48 -14.05 37.02
C ALA B 133 -17.90 -15.46 37.02
N PRO B 134 -17.46 -15.97 38.17
CA PRO B 134 -16.96 -17.35 38.25
C PRO B 134 -18.09 -18.35 38.43
N SER B 135 -17.74 -19.62 38.28
CA SER B 135 -18.69 -20.71 38.46
C SER B 135 -17.98 -22.06 38.53
N SER B 140 -11.80 -25.57 37.44
CA SER B 140 -11.06 -26.80 37.15
C SER B 140 -10.63 -27.48 38.46
N GLY B 141 -9.35 -27.85 38.55
CA GLY B 141 -8.86 -28.54 39.74
C GLY B 141 -8.53 -27.59 40.87
N GLY B 142 -9.54 -26.89 41.38
CA GLY B 142 -9.35 -26.00 42.50
C GLY B 142 -9.02 -24.57 42.14
N THR B 143 -9.08 -24.19 40.86
CA THR B 143 -8.75 -22.85 40.41
C THR B 143 -9.95 -22.23 39.70
N ALA B 144 -10.31 -21.02 40.11
CA ALA B 144 -11.40 -20.27 39.51
C ALA B 144 -10.85 -19.00 38.88
N ALA B 145 -11.56 -18.52 37.86
CA ALA B 145 -11.20 -17.28 37.17
C ALA B 145 -12.36 -16.30 37.21
N LEU B 146 -12.04 -15.04 37.47
CA LEU B 146 -13.03 -13.96 37.48
C LEU B 146 -12.36 -12.69 36.99
N GLY B 147 -13.17 -11.70 36.62
CA GLY B 147 -12.60 -10.50 36.07
C GLY B 147 -13.64 -9.40 35.91
N CYS B 148 -13.20 -8.31 35.29
CA CYS B 148 -14.03 -7.15 35.01
C CYS B 148 -13.85 -6.74 33.55
N LEU B 149 -14.96 -6.46 32.89
CA LEU B 149 -14.96 -5.97 31.52
C LEU B 149 -15.19 -4.47 31.54
N VAL B 150 -14.17 -3.71 31.11
CA VAL B 150 -14.21 -2.25 31.08
C VAL B 150 -14.41 -1.84 29.62
N LYS B 151 -15.62 -1.40 29.29
CA LYS B 151 -16.06 -1.29 27.91
C LYS B 151 -16.51 0.13 27.57
N ASP B 152 -16.22 0.55 26.35
CA ASP B 152 -16.73 1.79 25.77
C ASP B 152 -16.19 3.04 26.47
N TYR B 153 -14.88 3.25 26.43
CA TYR B 153 -14.27 4.46 26.96
C TYR B 153 -13.36 5.10 25.91
N PHE B 154 -13.13 6.39 26.09
CA PHE B 154 -12.22 7.11 25.20
C PHE B 154 -11.81 8.43 25.84
N PRO B 155 -10.52 8.81 25.72
CA PRO B 155 -9.40 8.07 25.11
C PRO B 155 -8.79 7.10 26.10
N GLU B 156 -7.63 6.54 25.78
CA GLU B 156 -6.88 5.75 26.74
C GLU B 156 -6.26 6.71 27.76
N PRO B 157 -5.87 6.19 28.94
CA PRO B 157 -5.96 4.81 29.42
C PRO B 157 -6.96 4.64 30.56
N VAL B 158 -7.22 3.38 30.92
CA VAL B 158 -7.87 3.05 32.19
C VAL B 158 -6.85 2.29 33.03
N THR B 159 -6.98 2.43 34.34
CA THR B 159 -6.17 1.65 35.27
C THR B 159 -7.09 0.75 36.09
N VAL B 160 -6.66 -0.48 36.29
CA VAL B 160 -7.47 -1.49 36.99
C VAL B 160 -6.62 -2.11 38.09
N SER B 161 -7.11 -2.06 39.31
CA SER B 161 -6.55 -2.79 40.43
C SER B 161 -7.61 -3.71 41.00
N TRP B 162 -7.20 -4.56 41.94
CA TRP B 162 -8.11 -5.51 42.57
C TRP B 162 -7.98 -5.39 44.08
N ASN B 163 -9.13 -5.26 44.75
CA ASN B 163 -9.17 -5.08 46.20
C ASN B 163 -8.25 -3.95 46.64
N SER B 164 -8.36 -2.82 45.93
CA SER B 164 -7.58 -1.62 46.25
C SER B 164 -6.08 -1.93 46.30
N GLY B 165 -5.63 -2.77 45.36
CA GLY B 165 -4.23 -3.11 45.25
C GLY B 165 -3.78 -4.28 46.09
N ALA B 166 -4.60 -4.74 47.03
CA ALA B 166 -4.21 -5.86 47.90
C ALA B 166 -3.98 -7.13 47.09
N LEU B 167 -4.69 -7.30 45.98
CA LEU B 167 -4.65 -8.53 45.19
C LEU B 167 -3.90 -8.24 43.89
N THR B 168 -2.69 -8.80 43.77
CA THR B 168 -1.89 -8.67 42.56
C THR B 168 -1.47 -10.02 41.98
N SER B 169 -1.42 -11.07 42.78
CA SER B 169 -1.03 -12.38 42.27
C SER B 169 -2.10 -12.94 41.35
N GLY B 170 -1.69 -13.36 40.16
CA GLY B 170 -2.59 -13.94 39.19
C GLY B 170 -3.36 -12.94 38.37
N VAL B 171 -3.08 -11.64 38.50
CA VAL B 171 -3.82 -10.61 37.78
C VAL B 171 -3.23 -10.44 36.39
N HIS B 172 -4.11 -10.42 35.38
CA HIS B 172 -3.73 -10.08 34.02
C HIS B 172 -4.69 -9.03 33.52
N THR B 173 -4.18 -7.83 33.24
CA THR B 173 -4.95 -6.75 32.65
C THR B 173 -4.50 -6.61 31.20
N PHE B 174 -5.42 -6.87 30.27
CA PHE B 174 -5.07 -6.94 28.86
C PHE B 174 -4.96 -5.55 28.26
N PRO B 175 -4.18 -5.41 27.18
CA PRO B 175 -4.17 -4.13 26.46
C PRO B 175 -5.52 -3.85 25.83
N ALA B 176 -5.89 -2.59 25.82
CA ALA B 176 -7.17 -2.19 25.27
C ALA B 176 -7.22 -2.45 23.77
N VAL B 177 -8.41 -2.79 23.28
CA VAL B 177 -8.66 -2.94 21.85
C VAL B 177 -9.60 -1.84 21.42
N LEU B 178 -9.30 -1.24 20.26
CA LEU B 178 -10.18 -0.23 19.70
C LEU B 178 -11.29 -0.93 18.94
N GLN B 179 -12.52 -0.76 19.41
CA GLN B 179 -13.67 -1.37 18.77
C GLN B 179 -14.03 -0.61 17.50
N SER B 180 -14.92 -1.21 16.70
CA SER B 180 -15.36 -0.57 15.47
C SER B 180 -16.20 0.67 15.75
N SER B 181 -16.78 0.78 16.94
CA SER B 181 -17.53 1.96 17.32
C SER B 181 -16.63 3.16 17.61
N GLY B 182 -15.30 2.99 17.54
CA GLY B 182 -14.37 4.04 17.87
C GLY B 182 -14.04 4.16 19.35
N LEU B 183 -14.58 3.28 20.18
CA LEU B 183 -14.37 3.31 21.62
C LEU B 183 -13.51 2.12 22.04
N TYR B 184 -12.80 2.29 23.15
CA TYR B 184 -11.89 1.27 23.65
C TYR B 184 -12.61 0.30 24.58
N SER B 185 -11.98 -0.86 24.77
CA SER B 185 -12.48 -1.88 25.67
C SER B 185 -11.31 -2.74 26.11
N LEU B 186 -11.30 -3.13 27.38
CA LEU B 186 -10.33 -4.10 27.86
C LEU B 186 -10.96 -4.93 28.96
N SER B 187 -10.34 -6.08 29.22
CA SER B 187 -10.71 -6.94 30.33
C SER B 187 -9.55 -7.05 31.30
N SER B 188 -9.88 -7.29 32.57
CA SER B 188 -8.90 -7.60 33.60
C SER B 188 -9.38 -8.81 34.35
N VAL B 189 -8.53 -9.83 34.47
CA VAL B 189 -8.90 -11.10 35.08
C VAL B 189 -7.89 -11.44 36.16
N VAL B 190 -8.35 -12.26 37.11
CA VAL B 190 -7.50 -12.81 38.16
C VAL B 190 -7.98 -14.22 38.46
N THR B 191 -7.03 -15.12 38.67
CA THR B 191 -7.33 -16.48 39.09
C THR B 191 -7.17 -16.61 40.60
N VAL B 192 -8.07 -17.37 41.23
CA VAL B 192 -8.05 -17.55 42.68
C VAL B 192 -8.42 -18.98 42.99
N PRO B 193 -8.17 -19.43 44.22
CA PRO B 193 -8.62 -20.78 44.62
C PRO B 193 -10.13 -20.87 44.61
N SER B 194 -10.64 -21.98 44.08
CA SER B 194 -12.09 -22.16 44.00
C SER B 194 -12.73 -22.11 45.39
N SER B 195 -12.04 -22.61 46.40
CA SER B 195 -12.58 -22.60 47.76
C SER B 195 -12.73 -21.19 48.31
N SER B 196 -12.05 -20.20 47.72
CA SER B 196 -12.12 -18.84 48.22
C SER B 196 -13.44 -18.17 47.86
N LEU B 197 -14.06 -18.57 46.76
CA LEU B 197 -15.35 -18.00 46.38
C LEU B 197 -16.40 -18.29 47.44
N GLY B 198 -17.19 -17.27 47.79
CA GLY B 198 -18.21 -17.38 48.81
C GLY B 198 -17.75 -16.93 50.19
N THR B 199 -16.44 -16.91 50.45
CA THR B 199 -15.87 -16.32 51.65
C THR B 199 -15.00 -15.11 51.35
N GLN B 200 -14.34 -15.07 50.20
CA GLN B 200 -13.45 -13.98 49.83
C GLN B 200 -14.16 -13.04 48.86
N THR B 201 -14.05 -11.75 49.13
CA THR B 201 -14.67 -10.73 48.29
C THR B 201 -13.65 -10.21 47.29
N TYR B 202 -14.09 -10.04 46.04
CA TYR B 202 -13.23 -9.59 44.95
C TYR B 202 -13.86 -8.38 44.29
N ILE B 203 -13.15 -7.24 44.36
CA ILE B 203 -13.63 -5.98 43.80
C ILE B 203 -12.55 -5.45 42.86
N CYS B 204 -12.94 -5.09 41.65
CA CYS B 204 -12.05 -4.43 40.69
C CYS B 204 -12.28 -2.94 40.76
N ASN B 205 -11.20 -2.17 40.82
CA ASN B 205 -11.24 -0.72 40.93
C ASN B 205 -10.81 -0.12 39.59
N VAL B 206 -11.75 0.52 38.90
CA VAL B 206 -11.51 1.08 37.58
C VAL B 206 -11.36 2.58 37.69
N ASN B 207 -10.43 3.14 36.93
CA ASN B 207 -10.19 4.59 36.94
C ASN B 207 -9.92 5.04 35.52
N HIS B 208 -10.79 5.91 34.99
CA HIS B 208 -10.60 6.58 33.71
C HIS B 208 -10.62 8.08 34.00
N LYS B 209 -9.43 8.67 34.08
CA LYS B 209 -9.29 10.03 34.60
C LYS B 209 -9.87 11.09 33.68
N PRO B 210 -9.70 11.00 32.36
CA PRO B 210 -10.27 12.04 31.49
C PRO B 210 -11.76 12.28 31.69
N SER B 211 -12.52 11.26 32.08
CA SER B 211 -13.95 11.41 32.30
C SER B 211 -14.32 11.53 33.78
N ASN B 212 -13.33 11.51 34.68
CA ASN B 212 -13.59 11.58 36.12
C ASN B 212 -14.47 10.41 36.55
N THR B 213 -14.17 9.21 36.05
CA THR B 213 -14.94 8.01 36.35
C THR B 213 -14.14 7.11 37.30
N LYS B 214 -14.70 6.86 38.48
CA LYS B 214 -14.14 5.91 39.44
C LYS B 214 -15.23 4.91 39.78
N VAL B 215 -14.98 3.63 39.50
CA VAL B 215 -15.96 2.57 39.69
C VAL B 215 -15.32 1.43 40.45
N ASP B 216 -16.00 0.94 41.49
CA ASP B 216 -15.63 -0.28 42.18
C ASP B 216 -16.77 -1.28 42.00
N LYS B 217 -16.54 -2.31 41.21
CA LYS B 217 -17.57 -3.31 40.89
C LYS B 217 -17.22 -4.63 41.57
N LYS B 218 -18.10 -5.07 42.45
CA LYS B 218 -17.94 -6.37 43.12
C LYS B 218 -18.27 -7.49 42.15
N VAL B 219 -17.51 -8.58 42.22
CA VAL B 219 -17.63 -9.71 41.31
C VAL B 219 -17.95 -10.95 42.13
N GLU B 220 -18.95 -11.71 41.69
CA GLU B 220 -19.39 -12.90 42.40
C GLU B 220 -20.21 -13.75 41.43
N PRO B 221 -20.59 -14.97 41.84
CA PRO B 221 -21.49 -15.80 41.03
C PRO B 221 -22.94 -15.33 41.11
N SER C 2 13.35 30.13 -0.54
CA SER C 2 12.45 29.66 -1.60
C SER C 2 11.90 28.27 -1.27
N ILE C 3 10.60 28.21 -0.96
CA ILE C 3 10.00 26.95 -0.53
C ILE C 3 9.76 26.01 -1.70
N VAL C 4 9.37 26.54 -2.85
CA VAL C 4 9.07 25.72 -4.03
C VAL C 4 10.14 25.97 -5.08
N SER C 5 10.55 24.89 -5.74
CA SER C 5 11.57 24.94 -6.78
C SER C 5 11.13 24.10 -7.97
N LEU C 6 11.36 24.62 -9.17
CA LEU C 6 11.15 23.86 -10.39
C LEU C 6 12.38 23.01 -10.65
N LEU C 7 12.20 21.70 -10.78
CA LEU C 7 13.30 20.78 -11.03
C LEU C 7 13.46 20.40 -12.49
N GLY C 8 12.39 20.44 -13.28
CA GLY C 8 12.51 20.08 -14.68
C GLY C 8 11.16 20.20 -15.38
N ILE C 9 11.24 20.34 -16.70
CA ILE C 9 10.07 20.40 -17.57
C ILE C 9 10.33 19.49 -18.77
N LYS C 10 9.34 18.66 -19.09
CA LYS C 10 9.35 17.86 -20.32
C LYS C 10 8.27 18.39 -21.25
N VAL C 11 8.65 18.75 -22.46
CA VAL C 11 7.70 19.08 -23.51
C VAL C 11 7.36 17.75 -24.20
N LEU C 12 6.16 17.23 -23.90
CA LEU C 12 5.85 15.84 -24.23
C LEU C 12 5.48 15.66 -25.70
N ASN C 13 4.52 16.43 -26.20
CA ASN C 13 4.04 16.29 -27.57
C ASN C 13 4.74 17.36 -28.40
N ASN C 14 5.85 16.98 -29.02
CA ASN C 14 6.73 17.92 -29.70
C ASN C 14 7.62 17.19 -30.71
N PRO C 15 7.55 17.56 -31.99
CA PRO C 15 6.72 18.60 -32.59
C PRO C 15 5.23 18.26 -32.58
N ALA C 16 4.39 19.28 -32.70
CA ALA C 16 2.94 19.12 -32.71
C ALA C 16 2.34 20.05 -33.74
N LYS C 17 1.05 19.88 -34.00
CA LYS C 17 0.33 20.79 -34.86
C LYS C 17 0.10 22.10 -34.13
N PHE C 18 -0.07 23.18 -34.89
CA PHE C 18 -0.35 24.47 -34.28
C PHE C 18 -1.55 24.40 -33.34
N THR C 19 -2.61 23.73 -33.79
CA THR C 19 -3.85 23.67 -33.02
C THR C 19 -3.84 22.62 -31.92
N ASP C 20 -2.77 21.83 -31.78
CA ASP C 20 -2.73 20.86 -30.70
C ASP C 20 -2.51 21.56 -29.36
N PRO C 21 -3.09 21.03 -28.28
CA PRO C 21 -2.78 21.57 -26.95
C PRO C 21 -1.34 21.26 -26.56
N TYR C 22 -0.86 22.00 -25.56
CA TYR C 22 0.47 21.81 -25.01
C TYR C 22 0.39 20.87 -23.81
N GLU C 23 1.13 19.76 -23.87
CA GLU C 23 1.19 18.81 -22.76
C GLU C 23 2.60 18.83 -22.18
N PHE C 24 2.71 19.33 -20.96
CA PHE C 24 3.98 19.47 -20.25
C PHE C 24 3.99 18.55 -19.03
N GLU C 25 5.12 17.91 -18.77
CA GLU C 25 5.36 17.26 -17.49
C GLU C 25 6.23 18.17 -16.64
N ILE C 26 5.72 18.56 -15.48
CA ILE C 26 6.38 19.49 -14.58
C ILE C 26 6.80 18.73 -13.32
N THR C 27 8.07 18.90 -12.93
CA THR C 27 8.61 18.31 -11.70
C THR C 27 9.01 19.45 -10.79
N PHE C 28 8.46 19.47 -9.58
CA PHE C 28 8.80 20.51 -8.61
C PHE C 28 8.99 19.89 -7.23
N GLU C 29 9.65 20.65 -6.37
CA GLU C 29 9.89 20.26 -4.99
C GLU C 29 9.36 21.32 -4.06
N CYS C 30 8.64 20.90 -3.03
CA CYS C 30 8.09 21.79 -2.01
C CYS C 30 8.68 21.38 -0.66
N LEU C 31 9.43 22.29 -0.04
CA LEU C 31 10.20 21.94 1.15
C LEU C 31 9.36 21.96 2.43
N GLU C 32 8.33 22.80 2.49
CA GLU C 32 7.57 22.98 3.72
C GLU C 32 6.10 23.20 3.39
N SER C 33 5.25 23.01 4.40
CA SER C 33 3.83 23.22 4.24
C SER C 33 3.53 24.68 3.94
N LEU C 34 2.60 24.91 3.00
CA LEU C 34 2.23 26.25 2.57
C LEU C 34 0.73 26.46 2.70
N LYS C 35 0.33 27.71 2.92
CA LYS C 35 -1.07 28.01 3.19
C LYS C 35 -1.89 28.16 1.92
N HIS C 36 -1.27 28.54 0.81
CA HIS C 36 -1.99 28.98 -0.39
C HIS C 36 -1.63 28.11 -1.59
N ASP C 37 -2.17 28.50 -2.75
CA ASP C 37 -2.09 27.71 -3.96
C ASP C 37 -0.93 28.12 -4.84
N LEU C 38 -0.42 27.16 -5.60
CA LEU C 38 0.41 27.45 -6.77
C LEU C 38 -0.50 27.61 -7.98
N GLU C 39 -0.14 28.55 -8.86
CA GLU C 39 -0.80 28.70 -10.15
C GLU C 39 0.28 28.59 -11.22
N TRP C 40 0.18 27.55 -12.04
CA TRP C 40 1.02 27.40 -13.22
C TRP C 40 0.28 27.98 -14.41
N LYS C 41 0.99 28.78 -15.21
CA LYS C 41 0.39 29.51 -16.32
C LYS C 41 1.24 29.32 -17.57
N LEU C 42 0.58 29.25 -18.71
CA LEU C 42 1.23 29.21 -20.01
C LEU C 42 0.76 30.40 -20.82
N THR C 43 1.72 31.19 -21.32
CA THR C 43 1.41 32.42 -22.05
C THR C 43 2.02 32.34 -23.43
N TYR C 44 1.24 32.73 -24.44
CA TYR C 44 1.70 32.80 -25.82
C TYR C 44 2.18 34.21 -26.10
N VAL C 45 3.35 34.33 -26.73
CA VAL C 45 3.91 35.61 -27.10
C VAL C 45 4.13 35.59 -28.61
N GLY C 46 3.38 36.41 -29.33
CA GLY C 46 3.43 36.41 -30.79
C GLY C 46 4.72 36.98 -31.34
N ASP C 54 1.36 37.86 -25.19
CA ASP C 54 0.18 38.40 -25.84
C ASP C 54 -1.11 37.90 -25.18
N GLN C 55 -1.36 36.58 -25.26
CA GLN C 55 -2.57 35.97 -24.73
C GLN C 55 -2.23 34.84 -23.77
N GLU C 56 -2.96 34.78 -22.65
CA GLU C 56 -2.82 33.71 -21.69
C GLU C 56 -3.53 32.47 -22.21
N LEU C 57 -2.79 31.37 -22.37
CA LEU C 57 -3.36 30.17 -22.97
C LEU C 57 -4.18 29.36 -21.97
N ASP C 58 -3.63 29.13 -20.78
CA ASP C 58 -4.27 28.25 -19.82
C ASP C 58 -3.53 28.36 -18.49
N SER C 59 -4.16 27.83 -17.44
CA SER C 59 -3.53 27.80 -16.12
C SER C 59 -4.09 26.61 -15.35
N ILE C 60 -3.37 26.25 -14.29
CA ILE C 60 -3.73 25.11 -13.45
C ILE C 60 -3.34 25.43 -12.01
N LEU C 61 -4.28 25.25 -11.09
CA LEU C 61 -4.04 25.51 -9.67
C LEU C 61 -3.68 24.22 -8.94
N VAL C 62 -2.67 24.30 -8.08
CA VAL C 62 -2.31 23.20 -7.18
C VAL C 62 -2.43 23.73 -5.75
N GLY C 63 -3.30 23.09 -4.97
CA GLY C 63 -3.58 23.57 -3.62
C GLY C 63 -4.47 22.61 -2.85
N PRO C 64 -4.08 22.19 -1.64
CA PRO C 64 -2.82 22.50 -0.96
C PRO C 64 -1.63 21.91 -1.70
N VAL C 65 -0.47 22.56 -1.58
CA VAL C 65 0.73 22.11 -2.27
C VAL C 65 1.26 20.87 -1.54
N PRO C 66 1.37 19.73 -2.20
CA PRO C 66 1.96 18.56 -1.54
C PRO C 66 3.45 18.76 -1.31
N VAL C 67 3.89 18.39 -0.12
CA VAL C 67 5.29 18.52 0.26
C VAL C 67 6.10 17.42 -0.42
N GLY C 68 7.36 17.71 -0.69
CA GLY C 68 8.24 16.76 -1.34
C GLY C 68 8.37 17.00 -2.83
N VAL C 69 8.88 15.99 -3.52
CA VAL C 69 9.05 16.04 -4.96
C VAL C 69 7.78 15.52 -5.63
N ASN C 70 7.26 16.26 -6.60
CA ASN C 70 6.01 15.92 -7.25
C ASN C 70 6.13 16.12 -8.76
N LYS C 71 5.44 15.24 -9.49
CA LYS C 71 5.49 15.21 -10.94
C LYS C 71 4.05 15.24 -11.45
N PHE C 72 3.73 16.19 -12.33
CA PHE C 72 2.37 16.28 -12.84
C PHE C 72 2.39 16.81 -14.28
N VAL C 73 1.27 16.60 -14.96
CA VAL C 73 1.10 16.98 -16.36
C VAL C 73 0.18 18.19 -16.44
N PHE C 74 0.55 19.16 -17.26
CA PHE C 74 -0.19 20.39 -17.47
C PHE C 74 -0.61 20.43 -18.95
N SER C 75 -1.90 20.29 -19.21
CA SER C 75 -2.45 20.39 -20.57
C SER C 75 -3.00 21.80 -20.77
N ALA C 76 -2.33 22.58 -21.62
CA ALA C 76 -2.73 23.94 -21.93
C ALA C 76 -3.42 24.00 -23.28
N ASP C 77 -4.48 24.79 -23.37
CA ASP C 77 -5.22 24.93 -24.62
C ASP C 77 -4.36 25.61 -25.68
N PRO C 78 -4.60 25.33 -26.95
CA PRO C 78 -3.78 25.92 -28.03
C PRO C 78 -4.13 27.39 -28.24
N PRO C 79 -3.30 28.13 -29.02
CA PRO C 79 -3.64 29.52 -29.34
C PRO C 79 -4.75 29.64 -30.38
N SER C 80 -4.99 30.84 -30.88
CA SER C 80 -5.98 31.04 -31.94
C SER C 80 -5.33 31.65 -33.18
N SER C 91 6.12 32.06 -38.29
CA SER C 91 7.31 32.73 -37.79
C SER C 91 7.78 32.12 -36.47
N VAL C 92 8.79 32.72 -35.87
CA VAL C 92 9.30 32.29 -34.58
C VAL C 92 8.54 33.02 -33.47
N THR C 93 8.00 32.25 -32.52
CA THR C 93 7.24 32.80 -31.40
C THR C 93 7.80 32.24 -30.10
N VAL C 94 7.21 32.67 -28.99
CA VAL C 94 7.67 32.32 -27.65
C VAL C 94 6.48 31.85 -26.82
N ILE C 95 6.72 30.87 -25.95
CA ILE C 95 5.78 30.49 -24.90
C ILE C 95 6.47 30.67 -23.56
N LEU C 96 5.73 31.19 -22.59
CA LEU C 96 6.22 31.39 -21.23
C LEU C 96 5.44 30.49 -20.29
N LEU C 97 6.16 29.65 -19.55
CA LEU C 97 5.58 28.83 -18.50
C LEU C 97 6.03 29.40 -17.17
N SER C 98 5.09 29.90 -16.38
CA SER C 98 5.39 30.56 -15.12
C SER C 98 4.64 29.89 -13.98
N CYS C 99 5.11 30.13 -12.76
CA CYS C 99 4.42 29.68 -11.56
C CYS C 99 4.36 30.81 -10.54
N SER C 100 3.22 30.94 -9.91
CA SER C 100 3.02 31.93 -8.85
C SER C 100 2.57 31.24 -7.58
N TYR C 101 3.00 31.78 -6.44
CA TYR C 101 2.49 31.40 -5.14
C TYR C 101 1.68 32.55 -4.57
N ASP C 102 0.42 32.28 -4.23
CA ASP C 102 -0.47 33.30 -3.68
C ASP C 102 -0.46 34.56 -4.55
N GLY C 103 -0.43 34.35 -5.86
CA GLY C 103 -0.44 35.44 -6.81
C GLY C 103 0.88 36.17 -6.99
N ARG C 104 1.99 35.58 -6.55
CA ARG C 104 3.30 36.19 -6.69
C ARG C 104 4.19 35.25 -7.49
N GLU C 105 4.67 35.74 -8.63
CA GLU C 105 5.42 34.92 -9.57
C GLU C 105 6.84 34.70 -9.05
N PHE C 106 7.28 33.44 -8.99
CA PHE C 106 8.61 33.10 -8.50
C PHE C 106 9.47 32.34 -9.50
N VAL C 107 8.91 31.84 -10.60
CA VAL C 107 9.71 31.19 -11.64
C VAL C 107 9.02 31.35 -12.98
N ARG C 108 9.84 31.46 -14.03
CA ARG C 108 9.36 31.60 -15.40
C ARG C 108 10.31 30.87 -16.33
N VAL C 109 9.77 30.09 -17.26
CA VAL C 109 10.56 29.36 -18.24
C VAL C 109 10.07 29.74 -19.63
N GLY C 110 10.94 30.35 -20.43
CA GLY C 110 10.62 30.75 -21.80
C GLY C 110 11.24 29.81 -22.81
N TYR C 111 10.47 29.48 -23.85
CA TYR C 111 10.95 28.69 -24.98
C TYR C 111 10.70 29.45 -26.27
N TYR C 112 11.64 29.34 -27.20
CA TYR C 112 11.38 29.74 -28.58
C TYR C 112 10.70 28.60 -29.32
N VAL C 113 9.83 28.97 -30.27
CA VAL C 113 9.02 28.02 -31.01
C VAL C 113 9.15 28.30 -32.50
N ASN C 114 9.55 27.29 -33.26
CA ASN C 114 9.62 27.40 -34.71
C ASN C 114 8.31 26.90 -35.31
N ASN C 115 7.65 27.76 -36.08
CA ASN C 115 6.40 27.41 -36.74
C ASN C 115 6.63 27.43 -38.25
N GLU C 116 6.39 26.29 -38.89
CA GLU C 116 6.58 26.16 -40.33
C GLU C 116 5.52 25.24 -40.91
N TYR C 117 5.38 25.28 -42.22
CA TYR C 117 4.36 24.49 -42.91
C TYR C 117 4.81 23.03 -43.07
N ASP C 118 3.81 22.16 -43.20
CA ASP C 118 4.02 20.74 -43.45
C ASP C 118 5.08 20.46 -44.51
N GLU C 119 4.83 20.92 -45.74
CA GLU C 119 5.46 20.36 -46.92
C GLU C 119 6.26 21.41 -47.68
N GLU C 120 7.06 20.92 -48.63
CA GLU C 120 8.07 21.74 -49.28
C GLU C 120 7.45 22.91 -50.06
N GLU C 121 6.33 22.66 -50.75
CA GLU C 121 5.77 23.70 -51.62
C GLU C 121 5.10 24.80 -50.80
N LEU C 122 4.44 24.44 -49.70
CA LEU C 122 3.82 25.46 -48.85
C LEU C 122 4.86 26.38 -48.22
N ARG C 123 6.00 25.83 -47.80
CA ARG C 123 7.04 26.67 -47.21
C ARG C 123 7.60 27.65 -48.22
N GLU C 124 7.83 27.21 -49.45
CA GLU C 124 8.45 28.06 -50.47
C GLU C 124 7.44 29.03 -51.08
N ASN C 125 6.19 28.61 -51.25
CA ASN C 125 5.13 29.44 -51.81
C ASN C 125 3.97 29.49 -50.83
N PRO C 126 4.13 30.22 -49.72
CA PRO C 126 3.07 30.26 -48.70
C PRO C 126 1.85 31.02 -49.21
N PRO C 127 0.65 30.60 -48.83
CA PRO C 127 -0.55 31.28 -49.29
C PRO C 127 -0.80 32.58 -48.53
N ALA C 128 -1.53 33.49 -49.19
CA ALA C 128 -1.92 34.73 -48.53
C ALA C 128 -2.75 34.47 -47.29
N LYS C 129 -3.79 33.64 -47.43
CA LYS C 129 -4.63 33.24 -46.30
C LYS C 129 -3.98 32.01 -45.66
N VAL C 130 -3.47 32.17 -44.45
CA VAL C 130 -2.65 31.14 -43.83
C VAL C 130 -3.51 29.92 -43.55
N GLN C 131 -2.94 28.73 -43.76
CA GLN C 131 -3.63 27.46 -43.55
C GLN C 131 -3.16 26.89 -42.21
N VAL C 132 -3.93 27.18 -41.17
CA VAL C 132 -3.52 26.83 -39.81
C VAL C 132 -3.30 25.32 -39.70
N ASP C 133 -4.12 24.53 -40.39
CA ASP C 133 -4.07 23.08 -40.24
C ASP C 133 -2.76 22.47 -40.74
N HIS C 134 -2.00 23.18 -41.56
CA HIS C 134 -0.75 22.67 -42.09
C HIS C 134 0.48 23.21 -41.35
N ILE C 135 0.30 23.91 -40.24
CA ILE C 135 1.42 24.45 -39.46
C ILE C 135 1.83 23.43 -38.41
N VAL C 136 3.12 23.07 -38.42
CA VAL C 136 3.72 22.24 -37.38
C VAL C 136 4.61 23.12 -36.53
N ARG C 137 4.39 23.13 -35.22
CA ARG C 137 5.23 23.87 -34.30
C ARG C 137 6.27 22.93 -33.69
N ASN C 138 7.47 23.46 -33.47
CA ASN C 138 8.56 22.69 -32.87
C ASN C 138 9.14 23.54 -31.75
N ILE C 139 8.75 23.22 -30.51
CA ILE C 139 9.28 23.93 -29.36
C ILE C 139 10.74 23.53 -29.17
N LEU C 140 11.61 24.53 -29.08
CA LEU C 140 13.04 24.29 -28.87
C LEU C 140 13.27 24.02 -27.39
N ALA C 141 13.01 22.77 -26.99
CA ALA C 141 12.95 22.40 -25.59
C ALA C 141 14.32 22.26 -24.95
N GLU C 142 15.39 22.18 -25.74
CA GLU C 142 16.73 22.09 -25.18
C GLU C 142 17.29 23.44 -24.75
N LYS C 143 16.62 24.55 -25.09
CA LYS C 143 17.13 25.90 -24.86
C LYS C 143 16.13 26.72 -24.04
N PRO C 144 15.73 26.24 -22.86
CA PRO C 144 14.85 27.05 -22.01
C PRO C 144 15.59 28.21 -21.38
N ARG C 145 14.90 29.34 -21.24
CA ARG C 145 15.41 30.47 -20.47
C ARG C 145 14.69 30.45 -19.13
N VAL C 146 15.41 30.17 -18.05
CA VAL C 146 14.83 30.06 -16.72
C VAL C 146 15.15 31.33 -15.94
N THR C 147 14.12 31.94 -15.34
CA THR C 147 14.27 33.12 -14.52
C THR C 147 13.56 32.91 -13.19
N ARG C 148 14.24 33.21 -12.09
CA ARG C 148 13.67 33.10 -10.76
C ARG C 148 13.53 34.48 -10.13
N PHE C 149 12.49 34.63 -9.32
CA PHE C 149 12.24 35.84 -8.56
C PHE C 149 12.07 35.46 -7.09
N ASN C 150 12.69 36.22 -6.20
CA ASN C 150 12.51 36.01 -4.77
C ASN C 150 11.21 36.65 -4.31
N ILE C 151 10.42 35.90 -3.55
CA ILE C 151 9.12 36.35 -3.07
C ILE C 151 8.97 36.06 -1.59
N VAL C 152 8.00 36.72 -0.98
CA VAL C 152 7.52 36.31 0.33
C VAL C 152 6.65 35.08 0.15
N TRP C 153 6.80 34.10 1.05
CA TRP C 153 5.98 32.90 1.02
C TRP C 153 4.92 33.01 2.11
N ASP C 154 5.13 32.34 3.24
CA ASP C 154 4.23 32.49 4.38
C ASP C 154 4.93 33.24 5.53
N GLY D 1 18.65 12.76 -24.67
CA GLY D 1 19.37 11.50 -24.82
C GLY D 1 19.97 10.99 -23.53
N SER D 2 19.85 11.78 -22.46
CA SER D 2 20.41 11.42 -21.15
C SER D 2 19.36 10.65 -20.35
N ILE D 3 19.66 9.37 -20.07
CA ILE D 3 18.70 8.53 -19.35
C ILE D 3 18.63 8.96 -17.88
N VAL D 4 19.76 9.34 -17.29
CA VAL D 4 19.83 9.76 -15.91
C VAL D 4 20.18 11.24 -15.87
N SER D 5 19.54 11.98 -14.96
CA SER D 5 19.75 13.40 -14.78
C SER D 5 19.87 13.73 -13.31
N LEU D 6 20.81 14.60 -12.98
CA LEU D 6 20.89 15.15 -11.63
C LEU D 6 19.92 16.33 -11.53
N LEU D 7 18.97 16.25 -10.61
CA LEU D 7 17.97 17.30 -10.44
C LEU D 7 18.31 18.27 -9.32
N GLY D 8 19.08 17.87 -8.34
CA GLY D 8 19.43 18.77 -7.26
C GLY D 8 20.31 18.10 -6.23
N ILE D 9 21.04 18.94 -5.50
CA ILE D 9 21.88 18.49 -4.40
C ILE D 9 21.64 19.42 -3.22
N LYS D 10 21.44 18.83 -2.04
CA LYS D 10 21.39 19.57 -0.78
C LYS D 10 22.61 19.20 0.04
N VAL D 11 23.39 20.20 0.43
CA VAL D 11 24.49 20.02 1.37
C VAL D 11 23.88 20.16 2.76
N LEU D 12 23.69 19.02 3.44
CA LEU D 12 22.84 18.98 4.62
C LEU D 12 23.53 19.53 5.86
N ASN D 13 24.72 19.02 6.19
CA ASN D 13 25.42 19.42 7.40
C ASN D 13 26.46 20.46 7.01
N ASN D 14 26.08 21.73 7.11
CA ASN D 14 26.89 22.82 6.58
C ASN D 14 26.50 24.16 7.23
N PRO D 15 27.46 24.83 7.91
CA PRO D 15 28.86 24.45 8.12
C PRO D 15 29.04 23.24 9.02
N ALA D 16 30.19 22.59 8.92
CA ALA D 16 30.50 21.41 9.71
C ALA D 16 31.95 21.46 10.15
N LYS D 17 32.33 20.55 11.03
CA LYS D 17 33.74 20.40 11.40
C LYS D 17 34.53 19.74 10.27
N PHE D 18 35.82 20.05 10.22
CA PHE D 18 36.69 19.49 9.20
C PHE D 18 36.60 17.97 9.19
N THR D 19 36.62 17.35 10.36
CA THR D 19 36.61 15.90 10.47
C THR D 19 35.22 15.29 10.35
N ASP D 20 34.18 16.10 10.18
CA ASP D 20 32.85 15.55 10.01
C ASP D 20 32.70 14.96 8.60
N PRO D 21 31.94 13.88 8.46
CA PRO D 21 31.62 13.38 7.11
C PRO D 21 30.74 14.36 6.36
N TYR D 22 30.70 14.20 5.04
CA TYR D 22 29.86 15.01 4.17
C TYR D 22 28.56 14.27 3.92
N GLU D 23 27.44 14.90 4.28
CA GLU D 23 26.12 14.30 4.07
C GLU D 23 25.38 15.10 3.01
N PHE D 24 25.14 14.49 1.86
CA PHE D 24 24.47 15.12 0.73
C PHE D 24 23.15 14.43 0.49
N GLU D 25 22.11 15.21 0.18
CA GLU D 25 20.88 14.66 -0.37
C GLU D 25 20.89 14.86 -1.87
N ILE D 26 20.82 13.76 -2.62
CA ILE D 26 20.92 13.78 -4.07
C ILE D 26 19.57 13.38 -4.65
N THR D 27 19.08 14.17 -5.59
CA THR D 27 17.84 13.90 -6.30
C THR D 27 18.17 13.69 -7.77
N PHE D 28 17.80 12.52 -8.31
CA PHE D 28 18.05 12.23 -9.72
C PHE D 28 16.81 11.59 -10.33
N GLU D 29 16.77 11.62 -11.66
CA GLU D 29 15.68 11.02 -12.42
C GLU D 29 16.27 10.03 -13.42
N CYS D 30 15.67 8.84 -13.49
CA CYS D 30 16.07 7.81 -14.43
C CYS D 30 14.88 7.50 -15.32
N LEU D 31 15.04 7.74 -16.63
CA LEU D 31 13.90 7.68 -17.56
C LEU D 31 13.58 6.26 -18.00
N GLU D 32 14.57 5.37 -18.05
CA GLU D 32 14.37 4.05 -18.61
C GLU D 32 15.17 3.03 -17.81
N SER D 33 14.80 1.77 -17.95
CA SER D 33 15.52 0.71 -17.28
C SER D 33 16.95 0.64 -17.84
N LEU D 34 17.92 0.47 -16.94
CA LEU D 34 19.33 0.42 -17.30
C LEU D 34 19.96 -0.86 -16.78
N LYS D 35 20.96 -1.36 -17.49
CA LYS D 35 21.57 -2.64 -17.15
C LYS D 35 22.68 -2.52 -16.11
N HIS D 36 23.29 -1.35 -15.97
CA HIS D 36 24.53 -1.22 -15.19
C HIS D 36 24.31 -0.23 -14.04
N ASP D 37 25.39 0.01 -13.30
CA ASP D 37 25.34 0.75 -12.04
C ASP D 37 25.70 2.22 -12.23
N LEU D 38 25.12 3.07 -11.38
CA LEU D 38 25.62 4.41 -11.15
C LEU D 38 26.66 4.36 -10.04
N GLU D 39 27.71 5.17 -10.16
CA GLU D 39 28.68 5.37 -9.10
C GLU D 39 28.78 6.85 -8.80
N TRP D 40 28.38 7.24 -7.58
CA TRP D 40 28.57 8.60 -7.10
C TRP D 40 29.87 8.66 -6.32
N LYS D 41 30.66 9.70 -6.59
CA LYS D 41 32.00 9.83 -6.04
C LYS D 41 32.20 11.23 -5.49
N LEU D 42 32.90 11.34 -4.36
CA LEU D 42 33.27 12.63 -3.78
C LEU D 42 34.78 12.71 -3.68
N THR D 43 35.35 13.76 -4.25
CA THR D 43 36.80 13.94 -4.31
C THR D 43 37.21 15.25 -3.67
N TYR D 44 38.28 15.20 -2.87
CA TYR D 44 38.87 16.38 -2.23
C TYR D 44 39.99 16.92 -3.11
N VAL D 45 39.99 18.23 -3.33
CA VAL D 45 41.01 18.92 -4.12
C VAL D 45 41.63 20.01 -3.25
N GLY D 46 42.89 19.86 -2.90
CA GLY D 46 43.55 20.81 -2.02
C GLY D 46 43.81 22.17 -2.63
N ASP D 54 45.00 15.54 -4.64
CA ASP D 54 43.60 15.18 -4.74
C ASP D 54 43.38 13.75 -4.26
N GLN D 55 42.46 13.56 -3.32
CA GLN D 55 42.18 12.26 -2.74
C GLN D 55 40.69 11.94 -2.86
N GLU D 56 40.38 10.70 -3.22
CA GLU D 56 39.00 10.24 -3.30
C GLU D 56 38.48 9.99 -1.89
N LEU D 57 37.42 10.72 -1.51
CA LEU D 57 36.91 10.65 -0.15
C LEU D 57 36.02 9.43 0.04
N ASP D 58 35.10 9.19 -0.89
CA ASP D 58 34.13 8.12 -0.73
C ASP D 58 33.39 7.95 -2.05
N SER D 59 32.68 6.84 -2.16
CA SER D 59 31.83 6.58 -3.31
C SER D 59 30.71 5.65 -2.89
N ILE D 60 29.67 5.61 -3.71
CA ILE D 60 28.50 4.78 -3.42
C ILE D 60 27.92 4.29 -4.75
N LEU D 61 27.67 2.99 -4.83
CA LEU D 61 27.09 2.38 -6.03
C LEU D 61 25.58 2.24 -5.87
N VAL D 62 24.86 2.56 -6.94
CA VAL D 62 23.42 2.35 -7.02
C VAL D 62 23.17 1.41 -8.18
N GLY D 63 22.57 0.27 -7.90
CA GLY D 63 22.37 -0.75 -8.91
C GLY D 63 21.53 -1.89 -8.39
N PRO D 64 20.45 -2.26 -9.10
CA PRO D 64 19.91 -1.64 -10.31
C PRO D 64 19.42 -0.23 -10.05
N VAL D 65 19.46 0.61 -11.08
CA VAL D 65 19.03 2.00 -10.95
C VAL D 65 17.51 2.02 -10.91
N PRO D 66 16.89 2.53 -9.85
CA PRO D 66 15.42 2.63 -9.85
C PRO D 66 14.93 3.68 -10.82
N VAL D 67 13.89 3.33 -11.56
CA VAL D 67 13.30 4.23 -12.55
C VAL D 67 12.47 5.28 -11.83
N GLY D 68 12.36 6.46 -12.44
CA GLY D 68 11.61 7.55 -11.88
C GLY D 68 12.50 8.56 -11.16
N VAL D 69 11.85 9.40 -10.36
CA VAL D 69 12.56 10.38 -9.54
C VAL D 69 12.88 9.74 -8.20
N ASN D 70 14.15 9.87 -7.79
CA ASN D 70 14.62 9.22 -6.58
C ASN D 70 15.49 10.17 -5.77
N LYS D 71 15.38 10.07 -4.45
CA LYS D 71 16.03 10.95 -3.50
C LYS D 71 16.78 10.07 -2.50
N PHE D 72 18.08 10.30 -2.35
CA PHE D 72 18.87 9.49 -1.42
C PHE D 72 19.99 10.32 -0.82
N VAL D 73 20.54 9.82 0.28
CA VAL D 73 21.59 10.49 1.02
C VAL D 73 22.92 9.78 0.79
N PHE D 74 23.96 10.57 0.55
CA PHE D 74 25.31 10.08 0.33
C PHE D 74 26.17 10.63 1.45
N SER D 75 26.62 9.75 2.35
CA SER D 75 27.53 10.13 3.44
C SER D 75 28.95 9.79 3.03
N ALA D 76 29.76 10.82 2.79
CA ALA D 76 31.15 10.64 2.39
C ALA D 76 32.05 10.87 3.60
N ASP D 77 33.06 10.01 3.72
CA ASP D 77 33.99 10.10 4.83
C ASP D 77 34.82 11.39 4.72
N PRO D 78 35.28 11.92 5.85
CA PRO D 78 36.08 13.16 5.81
C PRO D 78 37.44 12.89 5.21
N PRO D 79 38.19 13.94 4.87
CA PRO D 79 39.56 13.75 4.40
C PRO D 79 40.50 13.44 5.55
N SER D 80 41.69 12.95 5.19
CA SER D 80 42.73 12.68 6.16
C SER D 80 43.62 13.92 6.27
N ALA D 81 43.66 14.50 7.48
CA ALA D 81 44.41 15.74 7.66
C ALA D 81 45.91 15.53 7.45
N GLU D 82 46.43 14.38 7.86
CA GLU D 82 47.68 13.90 7.29
C GLU D 82 47.42 13.48 5.85
N LEU D 83 48.39 13.76 4.97
CA LEU D 83 48.26 13.73 3.51
C LEU D 83 48.00 15.13 2.96
N ILE D 84 47.66 16.08 3.84
CA ILE D 84 47.31 17.43 3.45
C ILE D 84 48.36 18.36 4.05
N PRO D 85 48.98 19.25 3.28
CA PRO D 85 49.93 20.20 3.86
C PRO D 85 49.27 21.12 4.88
N ALA D 86 50.06 21.59 5.85
CA ALA D 86 49.55 22.49 6.87
C ALA D 86 48.88 23.71 6.24
N SER D 87 49.42 24.20 5.13
CA SER D 87 48.90 25.41 4.51
C SER D 87 47.49 25.21 3.97
N GLU D 88 47.21 24.04 3.38
CA GLU D 88 45.92 23.81 2.74
C GLU D 88 44.79 23.62 3.74
N LEU D 89 45.10 23.27 4.99
CA LEU D 89 44.03 22.92 5.94
C LEU D 89 43.21 24.14 6.33
N VAL D 90 43.80 25.33 6.32
CA VAL D 90 43.07 26.53 6.70
C VAL D 90 43.01 27.48 5.52
N SER D 91 42.60 26.98 4.36
CA SER D 91 42.53 27.75 3.13
C SER D 91 41.26 27.34 2.39
N VAL D 92 41.11 27.86 1.17
CA VAL D 92 39.97 27.52 0.33
C VAL D 92 40.32 26.27 -0.48
N THR D 93 39.47 25.25 -0.41
CA THR D 93 39.66 24.00 -1.12
C THR D 93 38.38 23.69 -1.90
N VAL D 94 38.40 22.58 -2.64
CA VAL D 94 37.30 22.21 -3.52
C VAL D 94 36.92 20.76 -3.24
N ILE D 95 35.62 20.48 -3.34
CA ILE D 95 35.13 19.11 -3.39
C ILE D 95 34.39 18.92 -4.70
N LEU D 96 34.60 17.77 -5.33
CA LEU D 96 33.94 17.42 -6.57
C LEU D 96 33.03 16.22 -6.32
N LEU D 97 31.75 16.38 -6.62
CA LEU D 97 30.79 15.30 -6.57
C LEU D 97 30.46 14.92 -8.01
N SER D 98 30.80 13.69 -8.40
CA SER D 98 30.63 13.24 -9.77
C SER D 98 29.77 11.98 -9.80
N CYS D 99 29.20 11.70 -10.96
CA CYS D 99 28.45 10.47 -11.13
C CYS D 99 28.86 9.83 -12.45
N SER D 100 29.01 8.52 -12.44
CA SER D 100 29.34 7.73 -13.62
C SER D 100 28.26 6.68 -13.81
N TYR D 101 27.95 6.40 -15.08
CA TYR D 101 27.13 5.24 -15.44
C TYR D 101 28.02 4.26 -16.19
N ASP D 102 28.08 3.02 -15.68
CA ASP D 102 28.90 1.97 -16.28
C ASP D 102 30.32 2.47 -16.51
N GLY D 103 30.83 3.24 -15.54
CA GLY D 103 32.19 3.73 -15.61
C GLY D 103 32.41 4.90 -16.54
N ARG D 104 31.35 5.59 -16.93
CA ARG D 104 31.44 6.75 -17.82
C ARG D 104 30.84 7.96 -17.11
N GLU D 105 31.65 8.99 -16.90
CA GLU D 105 31.24 10.16 -16.13
C GLU D 105 30.32 11.04 -16.98
N PHE D 106 29.15 11.37 -16.44
CA PHE D 106 28.19 12.21 -17.16
C PHE D 106 27.80 13.48 -16.43
N VAL D 107 28.13 13.63 -15.15
CA VAL D 107 27.85 14.87 -14.44
C VAL D 107 28.90 15.06 -13.35
N ARG D 108 29.23 16.33 -13.09
CA ARG D 108 30.18 16.71 -12.05
C ARG D 108 29.73 18.01 -11.42
N VAL D 109 29.74 18.06 -10.09
CA VAL D 109 29.37 19.26 -9.34
C VAL D 109 30.53 19.63 -8.44
N GLY D 110 31.10 20.82 -8.67
CA GLY D 110 32.18 21.33 -7.87
C GLY D 110 31.71 22.43 -6.92
N TYR D 111 32.21 22.38 -5.69
CA TYR D 111 31.97 23.40 -4.68
C TYR D 111 33.29 23.90 -4.15
N TYR D 112 33.36 25.20 -3.88
CA TYR D 112 34.45 25.75 -3.08
C TYR D 112 34.12 25.59 -1.60
N VAL D 113 35.17 25.41 -0.80
CA VAL D 113 35.02 25.16 0.64
C VAL D 113 35.93 26.11 1.39
N ASN D 114 35.35 26.89 2.29
CA ASN D 114 36.11 27.79 3.16
C ASN D 114 36.40 27.09 4.48
N ASN D 115 37.68 27.01 4.85
CA ASN D 115 38.11 26.39 6.09
C ASN D 115 38.65 27.47 7.02
N GLU D 116 38.09 27.55 8.23
CA GLU D 116 38.46 28.57 9.20
C GLU D 116 38.48 27.95 10.60
N TYR D 117 39.16 28.63 11.51
CA TYR D 117 39.27 28.17 12.89
C TYR D 117 38.03 28.54 13.70
N ASP D 118 37.79 27.77 14.76
CA ASP D 118 36.71 28.05 15.70
C ASP D 118 36.63 29.51 16.12
N GLU D 119 37.72 30.02 16.70
CA GLU D 119 37.66 31.19 17.57
C GLU D 119 38.52 32.32 17.01
N GLU D 120 38.30 33.51 17.58
CA GLU D 120 38.89 34.72 17.04
C GLU D 120 40.41 34.70 17.15
N GLU D 121 40.95 34.21 18.27
CA GLU D 121 42.39 34.28 18.47
C GLU D 121 43.12 33.27 17.59
N LEU D 122 42.53 32.10 17.37
CA LEU D 122 43.14 31.14 16.44
C LEU D 122 43.17 31.71 15.02
N ARG D 123 42.09 32.39 14.62
CA ARG D 123 42.05 32.97 13.29
C ARG D 123 43.11 34.07 13.14
N GLU D 124 43.28 34.91 14.16
CA GLU D 124 44.21 36.02 14.06
C GLU D 124 45.65 35.57 14.23
N ASN D 125 45.89 34.60 15.11
CA ASN D 125 47.22 34.04 15.36
C ASN D 125 47.18 32.54 15.16
N PRO D 126 47.10 32.07 13.92
CA PRO D 126 47.02 30.62 13.69
C PRO D 126 48.32 29.93 14.07
N PRO D 127 48.26 28.74 14.63
CA PRO D 127 49.48 28.04 15.05
C PRO D 127 50.23 27.42 13.88
N ALA D 128 51.53 27.24 14.07
CA ALA D 128 52.35 26.57 13.08
C ALA D 128 51.85 25.16 12.83
N LYS D 129 51.61 24.40 13.90
CA LYS D 129 51.06 23.06 13.82
C LYS D 129 49.54 23.15 13.81
N VAL D 130 48.93 22.79 12.69
CA VAL D 130 47.50 23.04 12.50
C VAL D 130 46.69 22.19 13.46
N GLN D 131 45.63 22.78 14.01
CA GLN D 131 44.75 22.12 14.98
C GLN D 131 43.47 21.73 14.25
N VAL D 132 43.44 20.50 13.74
CA VAL D 132 42.36 20.05 12.87
C VAL D 132 41.01 20.14 13.57
N ASP D 133 40.97 19.79 14.85
CA ASP D 133 39.69 19.72 15.54
C ASP D 133 39.03 21.09 15.70
N HIS D 134 39.78 22.18 15.51
CA HIS D 134 39.23 23.52 15.62
C HIS D 134 38.90 24.13 14.26
N ILE D 135 38.98 23.35 13.18
CA ILE D 135 38.66 23.86 11.85
C ILE D 135 37.18 23.61 11.55
N VAL D 136 36.46 24.67 11.19
CA VAL D 136 35.09 24.59 10.72
C VAL D 136 35.11 24.85 9.22
N ARG D 137 34.54 23.94 8.45
CA ARG D 137 34.44 24.09 7.00
C ARG D 137 33.08 24.67 6.63
N ASN D 138 33.08 25.48 5.57
CA ASN D 138 31.89 26.15 5.07
C ASN D 138 31.83 25.92 3.56
N ILE D 139 31.03 24.94 3.14
CA ILE D 139 30.84 24.69 1.71
C ILE D 139 29.96 25.78 1.11
N LEU D 140 30.43 26.38 0.03
CA LEU D 140 29.67 27.43 -0.66
C LEU D 140 28.64 26.75 -1.55
N ALA D 141 27.54 26.32 -0.93
CA ALA D 141 26.56 25.45 -1.59
C ALA D 141 25.64 26.19 -2.55
N GLU D 142 25.57 27.52 -2.46
CA GLU D 142 24.71 28.27 -3.36
C GLU D 142 25.33 28.51 -4.74
N LYS D 143 26.63 28.24 -4.91
CA LYS D 143 27.34 28.53 -6.16
C LYS D 143 28.04 27.30 -6.69
N PRO D 144 27.31 26.20 -6.92
CA PRO D 144 27.95 25.02 -7.50
C PRO D 144 28.28 25.23 -8.97
N ARG D 145 29.42 24.67 -9.39
CA ARG D 145 29.80 24.64 -10.79
C ARG D 145 29.49 23.25 -11.35
N VAL D 146 28.50 23.20 -12.23
CA VAL D 146 27.96 21.96 -12.77
C VAL D 146 28.48 21.77 -14.19
N THR D 147 28.99 20.57 -14.47
CA THR D 147 29.46 20.20 -15.81
C THR D 147 28.83 18.88 -16.19
N ARG D 148 28.26 18.82 -17.40
CA ARG D 148 27.66 17.61 -17.92
C ARG D 148 28.45 17.10 -19.11
N PHE D 149 28.47 15.78 -19.26
CA PHE D 149 29.10 15.12 -20.39
C PHE D 149 28.09 14.19 -21.04
N ASN D 150 28.04 14.20 -22.38
CA ASN D 150 27.19 13.27 -23.10
C ASN D 150 27.90 11.92 -23.20
N ILE D 151 27.18 10.85 -22.87
CA ILE D 151 27.74 9.51 -22.86
C ILE D 151 26.78 8.56 -23.56
N VAL D 152 27.32 7.40 -23.94
CA VAL D 152 26.49 6.28 -24.33
C VAL D 152 25.88 5.68 -23.08
N TRP D 153 24.62 5.28 -23.17
CA TRP D 153 23.97 4.61 -22.04
C TRP D 153 23.92 3.12 -22.33
N ASP D 154 22.77 2.59 -22.77
CA ASP D 154 22.70 1.19 -23.18
C ASP D 154 22.49 1.07 -24.70
N ASP E 2 8.57 4.55 -0.39
CA ASP E 2 8.31 3.38 -1.22
C ASP E 2 9.14 2.20 -0.75
N ILE E 3 10.40 2.45 -0.37
CA ILE E 3 11.28 1.37 0.05
C ILE E 3 10.77 0.76 1.34
N GLN E 4 10.81 -0.57 1.40
CA GLN E 4 10.42 -1.31 2.58
C GLN E 4 11.64 -2.03 3.15
N MET E 5 11.66 -2.15 4.47
CA MET E 5 12.65 -2.98 5.17
C MET E 5 11.86 -4.11 5.82
N THR E 6 11.90 -5.29 5.21
CA THR E 6 11.12 -6.43 5.65
C THR E 6 11.94 -7.19 6.68
N GLN E 7 11.52 -7.13 7.93
CA GLN E 7 12.25 -7.72 9.04
C GLN E 7 11.62 -9.06 9.41
N SER E 8 12.46 -10.07 9.59
CA SER E 8 11.98 -11.38 10.00
C SER E 8 13.00 -12.07 10.90
N PRO E 9 12.54 -12.93 11.81
CA PRO E 9 11.12 -13.23 12.09
C PRO E 9 10.47 -12.15 12.95
N SER E 10 9.14 -12.20 13.09
CA SER E 10 8.46 -11.24 13.95
C SER E 10 8.79 -11.48 15.41
N SER E 11 9.09 -12.73 15.78
CA SER E 11 9.43 -13.08 17.14
C SER E 11 10.15 -14.42 17.13
N LEU E 12 11.02 -14.61 18.12
CA LEU E 12 11.76 -15.86 18.26
C LEU E 12 12.01 -16.11 19.75
N SER E 13 11.95 -17.38 20.15
CA SER E 13 12.20 -17.78 21.52
C SER E 13 13.60 -18.40 21.61
N ALA E 14 14.35 -17.99 22.62
CA ALA E 14 15.73 -18.42 22.75
C ALA E 14 16.10 -18.50 24.23
N SER E 15 17.25 -19.11 24.49
CA SER E 15 17.77 -19.31 25.84
C SER E 15 19.11 -18.59 25.98
N VAL E 16 19.49 -18.34 27.24
CA VAL E 16 20.78 -17.74 27.50
C VAL E 16 21.87 -18.59 26.88
N GLY E 17 22.77 -17.96 26.12
CA GLY E 17 23.86 -18.65 25.47
C GLY E 17 23.62 -19.00 24.02
N ASP E 18 22.38 -18.92 23.55
CA ASP E 18 22.07 -19.29 22.18
C ASP E 18 22.60 -18.25 21.19
N ARG E 19 22.76 -18.69 19.94
CA ARG E 19 23.14 -17.82 18.84
C ARG E 19 21.89 -17.51 18.02
N VAL E 20 21.53 -16.23 17.93
CA VAL E 20 20.34 -15.82 17.19
C VAL E 20 20.74 -14.82 16.10
N THR E 21 19.93 -14.79 15.06
CA THR E 21 20.18 -13.95 13.89
C THR E 21 18.86 -13.34 13.45
N ILE E 22 18.89 -12.05 13.15
CA ILE E 22 17.71 -11.31 12.70
C ILE E 22 18.04 -10.72 11.33
N THR E 23 17.15 -10.94 10.37
CA THR E 23 17.37 -10.54 9.00
C THR E 23 16.43 -9.40 8.63
N CYS E 24 16.93 -8.47 7.83
CA CYS E 24 16.16 -7.33 7.34
C CYS E 24 16.45 -7.19 5.85
N ARG E 25 15.40 -7.21 5.05
CA ARG E 25 15.54 -7.23 3.59
C ARG E 25 15.12 -5.88 3.02
N ALA E 26 16.05 -5.24 2.32
CA ALA E 26 15.74 -4.00 1.62
C ALA E 26 15.11 -4.34 0.27
N SER E 27 13.98 -3.68 -0.02
CA SER E 27 13.28 -3.92 -1.28
C SER E 27 14.02 -3.36 -2.48
N GLN E 28 15.05 -2.55 -2.27
CA GLN E 28 15.92 -2.11 -3.36
C GLN E 28 17.32 -1.90 -2.80
N SER E 29 18.26 -1.63 -3.70
CA SER E 29 19.68 -1.69 -3.34
C SER E 29 20.03 -0.61 -2.31
N VAL E 30 20.67 -1.04 -1.23
CA VAL E 30 21.18 -0.15 -0.19
C VAL E 30 22.66 -0.46 0.00
N SER E 31 23.48 0.59 0.06
CA SER E 31 24.93 0.39 0.16
C SER E 31 25.33 -0.02 1.57
N SER E 32 25.20 0.90 2.54
CA SER E 32 25.66 0.61 3.90
C SER E 32 24.86 1.32 4.99
N ALA E 33 23.94 2.21 4.62
CA ALA E 33 23.21 3.00 5.61
C ALA E 33 22.07 2.18 6.21
N VAL E 34 22.45 1.20 7.03
CA VAL E 34 21.50 0.34 7.74
C VAL E 34 21.95 0.26 9.19
N ALA E 35 20.99 0.40 10.12
CA ALA E 35 21.29 0.39 11.54
C ALA E 35 20.34 -0.57 12.25
N TRP E 36 20.77 -0.99 13.45
CA TRP E 36 19.99 -1.90 14.30
C TRP E 36 19.83 -1.27 15.67
N TYR E 37 18.62 -1.39 16.22
CA TYR E 37 18.27 -0.79 17.50
C TYR E 37 17.67 -1.84 18.43
N GLN E 38 17.86 -1.62 19.73
CA GLN E 38 17.27 -2.45 20.78
C GLN E 38 16.34 -1.60 21.60
N GLN E 39 15.15 -2.12 21.90
CA GLN E 39 14.19 -1.41 22.73
C GLN E 39 13.60 -2.34 23.77
N LYS E 40 13.61 -1.90 25.01
CA LYS E 40 12.97 -2.61 26.10
C LYS E 40 11.67 -1.89 26.47
N PRO E 41 10.72 -2.61 27.06
CA PRO E 41 9.39 -2.02 27.29
C PRO E 41 9.47 -0.73 28.10
N GLY E 42 8.78 0.31 27.61
CA GLY E 42 8.72 1.60 28.28
C GLY E 42 9.96 2.44 28.15
N LYS E 43 10.96 2.01 27.38
CA LYS E 43 12.25 2.68 27.30
C LYS E 43 12.48 3.19 25.90
N ALA E 44 13.37 4.18 25.79
CA ALA E 44 13.77 4.68 24.50
C ALA E 44 14.67 3.66 23.79
N PRO E 45 14.59 3.55 22.47
CA PRO E 45 15.49 2.65 21.75
C PRO E 45 16.96 3.03 21.98
N LYS E 46 17.83 2.06 21.70
CA LYS E 46 19.27 2.22 21.87
C LYS E 46 19.96 1.70 20.62
N LEU E 47 20.97 2.44 20.15
CA LEU E 47 21.67 2.09 18.91
C LEU E 47 22.68 0.99 19.17
N LEU E 48 22.68 -0.03 18.32
CA LEU E 48 23.62 -1.14 18.40
C LEU E 48 24.62 -1.11 17.26
N ILE E 49 24.13 -1.10 16.02
CA ILE E 49 24.96 -1.19 14.82
C ILE E 49 24.55 -0.05 13.90
N TYR E 50 25.53 0.60 13.30
CA TYR E 50 25.29 1.57 12.25
C TYR E 50 26.22 1.26 11.08
N SER E 51 25.88 1.79 9.91
CA SER E 51 26.65 1.55 8.70
C SER E 51 26.75 0.04 8.41
N ALA E 52 25.66 -0.68 8.70
CA ALA E 52 25.51 -2.10 8.39
C ALA E 52 26.30 -3.01 9.34
N SER E 53 27.55 -2.64 9.65
CA SER E 53 28.41 -3.54 10.42
C SER E 53 29.26 -2.85 11.47
N SER E 54 29.14 -1.54 11.67
CA SER E 54 29.97 -0.83 12.63
C SER E 54 29.32 -0.87 14.01
N LEU E 55 30.02 -1.47 14.97
CA LEU E 55 29.56 -1.50 16.35
C LEU E 55 29.64 -0.10 16.95
N TYR E 56 28.53 0.36 17.52
CA TYR E 56 28.50 1.66 18.17
C TYR E 56 29.22 1.60 19.52
N SER E 57 29.93 2.68 19.84
CA SER E 57 30.81 2.66 21.00
C SER E 57 30.02 2.32 22.27
N GLY E 58 30.58 1.44 23.09
CA GLY E 58 29.95 1.02 24.32
C GLY E 58 29.04 -0.19 24.20
N VAL E 59 28.69 -0.58 22.97
CA VAL E 59 27.82 -1.72 22.76
C VAL E 59 28.66 -3.00 22.90
N PRO E 60 28.16 -4.04 23.57
CA PRO E 60 28.97 -5.26 23.72
C PRO E 60 29.31 -5.88 22.37
N SER E 61 30.47 -6.53 22.32
CA SER E 61 30.97 -7.08 21.07
C SER E 61 30.23 -8.33 20.62
N ARG E 62 29.32 -8.88 21.44
CA ARG E 62 28.53 -10.01 21.00
C ARG E 62 27.52 -9.63 19.93
N PHE E 63 27.19 -8.35 19.82
CA PHE E 63 26.37 -7.86 18.72
C PHE E 63 27.26 -7.57 17.51
N SER E 64 26.86 -8.10 16.35
CA SER E 64 27.59 -7.86 15.12
C SER E 64 26.60 -7.75 13.96
N GLY E 65 26.96 -6.97 12.96
CA GLY E 65 26.09 -6.72 11.82
C GLY E 65 26.78 -7.09 10.53
N SER E 66 25.98 -7.61 9.59
CA SER E 66 26.51 -8.11 8.33
C SER E 66 25.53 -7.77 7.20
N ARG E 67 26.02 -7.91 5.97
CA ARG E 67 25.24 -7.63 4.78
C ARG E 67 25.56 -8.65 3.71
N SER E 68 24.52 -9.13 3.02
CA SER E 68 24.67 -10.08 1.90
C SER E 68 23.62 -9.72 0.85
N GLY E 69 24.03 -8.96 -0.15
CA GLY E 69 23.11 -8.47 -1.16
C GLY E 69 22.18 -7.42 -0.59
N THR E 70 20.88 -7.65 -0.69
CA THR E 70 19.90 -6.79 -0.03
C THR E 70 19.50 -7.31 1.34
N ASP E 71 20.14 -8.37 1.82
CA ASP E 71 19.87 -8.93 3.14
C ASP E 71 20.85 -8.35 4.15
N PHE E 72 20.30 -7.80 5.23
CA PHE E 72 21.10 -7.27 6.33
C PHE E 72 20.77 -8.06 7.58
N THR E 73 21.81 -8.54 8.27
CA THR E 73 21.65 -9.43 9.41
C THR E 73 22.24 -8.81 10.67
N LEU E 74 21.59 -9.07 11.79
CA LEU E 74 22.11 -8.79 13.12
C LEU E 74 22.30 -10.12 13.83
N THR E 75 23.50 -10.34 14.37
CA THR E 75 23.82 -11.58 15.07
C THR E 75 24.19 -11.25 16.51
N ILE E 76 23.58 -11.98 17.43
CA ILE E 76 23.95 -11.93 18.84
C ILE E 76 24.56 -13.28 19.17
N SER E 77 25.89 -13.33 19.25
CA SER E 77 26.57 -14.56 19.64
C SER E 77 26.49 -14.70 21.16
N SER E 78 25.86 -15.78 21.63
CA SER E 78 25.68 -16.01 23.06
C SER E 78 24.76 -14.95 23.67
N LEU E 79 23.46 -15.26 23.75
CA LEU E 79 22.52 -14.36 24.38
C LEU E 79 22.82 -14.19 25.85
N GLN E 80 22.59 -12.99 26.37
CA GLN E 80 22.60 -12.73 27.79
C GLN E 80 21.17 -12.40 28.26
N PRO E 81 20.90 -12.49 29.56
CA PRO E 81 19.55 -12.18 30.05
C PRO E 81 19.10 -10.76 29.70
N GLU E 82 20.02 -9.80 29.67
CA GLU E 82 19.65 -8.42 29.36
C GLU E 82 19.39 -8.21 27.87
N ASP E 83 19.60 -9.22 27.03
CA ASP E 83 19.41 -9.09 25.59
C ASP E 83 17.98 -9.37 25.15
N PHE E 84 17.14 -9.91 26.03
CA PHE E 84 15.74 -10.14 25.67
C PHE E 84 15.02 -8.81 25.53
N ALA E 85 14.48 -8.55 24.35
CA ALA E 85 13.95 -7.24 24.01
C ALA E 85 13.38 -7.26 22.61
N THR E 86 12.99 -6.10 22.08
CA THR E 86 12.57 -5.95 20.70
C THR E 86 13.66 -5.25 19.92
N TYR E 87 13.94 -5.76 18.71
CA TYR E 87 15.00 -5.25 17.86
C TYR E 87 14.42 -4.75 16.55
N TYR E 88 14.93 -3.61 16.09
CA TYR E 88 14.47 -2.97 14.86
C TYR E 88 15.64 -2.71 13.93
N CYS E 89 15.45 -2.99 12.65
CA CYS E 89 16.38 -2.53 11.62
C CYS E 89 15.92 -1.18 11.09
N GLN E 90 16.80 -0.54 10.32
CA GLN E 90 16.53 0.76 9.75
C GLN E 90 17.41 0.95 8.53
N GLN E 91 16.86 1.59 7.50
CA GLN E 91 17.64 2.09 6.38
C GLN E 91 17.51 3.60 6.32
N SER E 92 18.59 4.27 5.94
CA SER E 92 18.58 5.72 5.84
C SER E 92 19.35 6.21 4.63
N GLN E 93 19.44 5.41 3.58
CA GLN E 93 19.99 5.85 2.30
C GLN E 93 18.93 6.54 1.45
N TRP E 94 17.83 5.82 1.18
CA TRP E 94 16.76 6.33 0.33
C TRP E 94 15.75 7.10 1.16
N TYR E 95 15.16 8.12 0.54
CA TYR E 95 13.99 8.75 1.14
C TYR E 95 12.81 7.81 0.94
N PRO E 96 12.02 7.57 2.01
CA PRO E 96 12.15 8.04 3.38
C PRO E 96 12.87 7.06 4.29
N ILE E 97 13.52 7.57 5.34
CA ILE E 97 14.06 6.71 6.38
C ILE E 97 12.95 5.78 6.84
N THR E 98 13.26 4.49 6.94
CA THR E 98 12.25 3.48 7.26
C THR E 98 12.79 2.49 8.28
N PHE E 99 11.94 2.14 9.24
CA PHE E 99 12.23 1.09 10.21
C PHE E 99 11.59 -0.22 9.76
N GLY E 100 12.21 -1.33 10.12
CA GLY E 100 11.57 -2.61 9.99
C GLY E 100 10.49 -2.79 11.05
N GLN E 101 9.66 -3.81 10.86
CA GLN E 101 8.51 -4.01 11.72
C GLN E 101 8.91 -4.48 13.12
N GLY E 102 10.10 -5.02 13.27
CA GLY E 102 10.60 -5.37 14.59
C GLY E 102 10.58 -6.87 14.83
N THR E 103 11.48 -7.32 15.72
CA THR E 103 11.58 -8.72 16.10
C THR E 103 11.64 -8.80 17.62
N LYS E 104 10.70 -9.54 18.21
CA LYS E 104 10.71 -9.81 19.64
C LYS E 104 11.58 -11.01 19.92
N VAL E 105 12.63 -10.81 20.71
CA VAL E 105 13.46 -11.91 21.21
C VAL E 105 12.95 -12.24 22.61
N GLU E 106 12.30 -13.38 22.75
CA GLU E 106 11.61 -13.76 23.98
C GLU E 106 12.26 -14.98 24.59
N ILE E 107 11.92 -15.23 25.86
CA ILE E 107 12.53 -16.30 26.62
C ILE E 107 11.82 -17.61 26.31
N LYS E 108 12.60 -18.65 26.02
CA LYS E 108 12.03 -19.96 25.76
C LYS E 108 11.77 -20.68 27.09
N ARG E 109 10.69 -21.45 27.13
CA ARG E 109 10.37 -22.29 28.27
C ARG E 109 9.60 -23.51 27.77
N THR E 110 9.27 -24.41 28.69
CA THR E 110 8.52 -25.59 28.32
C THR E 110 7.11 -25.22 27.84
N VAL E 111 6.52 -26.13 27.08
CA VAL E 111 5.14 -25.93 26.61
C VAL E 111 4.19 -26.00 27.79
N ALA E 112 3.22 -25.10 27.81
CA ALA E 112 2.20 -25.07 28.86
C ALA E 112 0.85 -24.82 28.20
N ALA E 113 -0.10 -25.72 28.44
CA ALA E 113 -1.42 -25.59 27.87
C ALA E 113 -2.20 -24.48 28.57
N PRO E 114 -3.09 -23.80 27.87
CA PRO E 114 -3.88 -22.74 28.51
C PRO E 114 -4.98 -23.32 29.39
N SER E 115 -5.23 -22.66 30.51
CA SER E 115 -6.45 -22.87 31.27
C SER E 115 -7.54 -22.01 30.66
N VAL E 116 -8.57 -22.65 30.10
CA VAL E 116 -9.59 -21.97 29.32
C VAL E 116 -10.82 -21.73 30.20
N PHE E 117 -11.32 -20.50 30.18
CA PHE E 117 -12.52 -20.10 30.89
C PHE E 117 -13.43 -19.35 29.94
N ILE E 118 -14.74 -19.49 30.16
CA ILE E 118 -15.74 -18.78 29.36
C ILE E 118 -16.69 -18.07 30.32
N PHE E 119 -16.99 -16.81 30.01
CA PHE E 119 -17.91 -16.00 30.79
C PHE E 119 -19.05 -15.53 29.91
N PRO E 120 -20.31 -15.77 30.28
CA PRO E 120 -21.43 -15.22 29.50
C PRO E 120 -21.59 -13.73 29.74
N PRO E 121 -22.50 -13.07 29.03
CA PRO E 121 -22.84 -11.68 29.37
C PRO E 121 -23.26 -11.56 30.83
N SER E 122 -23.48 -10.33 31.29
CA SER E 122 -23.61 -10.06 32.72
C SER E 122 -25.07 -9.99 33.19
N ASP E 123 -25.89 -9.21 32.49
CA ASP E 123 -27.26 -8.85 32.86
C ASP E 123 -27.36 -7.33 32.84
N SER E 124 -26.50 -6.67 33.63
CA SER E 124 -26.36 -5.22 33.52
C SER E 124 -26.06 -4.83 32.07
N GLN E 125 -25.06 -5.48 31.47
CA GLN E 125 -24.75 -5.24 30.06
C GLN E 125 -25.97 -5.50 29.20
N LEU E 126 -26.60 -6.67 29.36
CA LEU E 126 -27.74 -7.03 28.52
C LEU E 126 -28.85 -5.99 28.62
N LYS E 127 -29.08 -5.44 29.81
CA LYS E 127 -30.09 -4.41 29.97
C LYS E 127 -29.87 -3.24 29.01
N SER E 128 -28.62 -3.02 28.58
CA SER E 128 -28.28 -1.93 27.70
C SER E 128 -28.22 -2.33 26.24
N GLY E 129 -28.62 -3.56 25.91
CA GLY E 129 -28.80 -3.95 24.53
C GLY E 129 -27.59 -4.49 23.81
N THR E 130 -26.56 -4.92 24.53
CA THR E 130 -25.39 -5.55 23.92
C THR E 130 -24.97 -6.74 24.76
N ALA E 131 -24.32 -7.71 24.12
CA ALA E 131 -23.86 -8.92 24.78
C ALA E 131 -22.39 -9.15 24.45
N SER E 132 -21.56 -9.25 25.48
CA SER E 132 -20.14 -9.57 25.32
C SER E 132 -19.87 -10.92 25.97
N VAL E 133 -19.41 -11.87 25.17
CA VAL E 133 -19.01 -13.19 25.65
C VAL E 133 -17.49 -13.24 25.62
N VAL E 134 -16.88 -13.53 26.77
CA VAL E 134 -15.43 -13.45 26.94
C VAL E 134 -14.88 -14.85 27.15
N CYS E 135 -13.84 -15.20 26.41
CA CYS E 135 -13.12 -16.45 26.56
C CYS E 135 -11.70 -16.15 26.99
N LEU E 136 -11.24 -16.79 28.07
CA LEU E 136 -9.93 -16.51 28.66
C LEU E 136 -9.03 -17.72 28.50
N LEU E 137 -7.91 -17.53 27.80
CA LEU E 137 -6.83 -18.51 27.74
C LEU E 137 -5.72 -18.00 28.65
N ASN E 138 -5.49 -18.68 29.77
CA ASN E 138 -4.67 -18.15 30.84
C ASN E 138 -3.36 -18.93 30.96
N ASN E 139 -2.25 -18.21 30.95
CA ASN E 139 -0.93 -18.77 31.25
C ASN E 139 -0.61 -19.98 30.38
N PHE E 140 -0.25 -19.72 29.12
CA PHE E 140 0.13 -20.76 28.18
C PHE E 140 1.41 -20.38 27.47
N TYR E 141 2.01 -21.36 26.82
CA TYR E 141 3.21 -21.15 26.02
C TYR E 141 3.27 -22.25 24.97
N PRO E 142 3.64 -21.92 23.72
CA PRO E 142 4.03 -20.62 23.18
C PRO E 142 2.85 -19.72 22.84
N ARG E 143 3.12 -18.54 22.26
CA ARG E 143 2.06 -17.58 22.00
C ARG E 143 1.04 -18.11 21.01
N GLU E 144 1.50 -18.88 20.02
CA GLU E 144 0.60 -19.33 18.95
C GLU E 144 -0.58 -20.11 19.53
N ALA E 145 -1.78 -19.58 19.33
CA ALA E 145 -3.00 -20.22 19.77
C ALA E 145 -4.10 -19.85 18.79
N LYS E 146 -5.20 -20.60 18.84
CA LYS E 146 -6.32 -20.38 17.94
C LYS E 146 -7.62 -20.56 18.72
N VAL E 147 -8.46 -19.52 18.71
CA VAL E 147 -9.77 -19.55 19.34
C VAL E 147 -10.82 -19.51 18.25
N GLN E 148 -11.78 -20.44 18.30
CA GLN E 148 -12.92 -20.46 17.41
C GLN E 148 -14.19 -20.31 18.22
N TRP E 149 -15.00 -19.33 17.86
CA TRP E 149 -16.31 -19.15 18.48
C TRP E 149 -17.35 -19.94 17.71
N LYS E 150 -18.26 -20.59 18.44
CA LYS E 150 -19.31 -21.40 17.83
C LYS E 150 -20.61 -21.14 18.56
N VAL E 151 -21.64 -20.80 17.79
CA VAL E 151 -22.97 -20.51 18.31
C VAL E 151 -23.91 -21.53 17.70
N ASP E 152 -24.36 -22.47 18.50
CA ASP E 152 -25.15 -23.60 18.01
C ASP E 152 -24.40 -24.32 16.89
N ASN E 153 -23.10 -24.53 17.11
CA ASN E 153 -22.20 -25.24 16.21
C ASN E 153 -21.87 -24.46 14.94
N ALA E 154 -22.30 -23.19 14.83
CA ALA E 154 -22.00 -22.38 13.66
C ALA E 154 -20.76 -21.54 13.92
N LEU E 155 -19.72 -21.74 13.11
CA LEU E 155 -18.50 -20.96 13.25
C LEU E 155 -18.80 -19.48 12.99
N GLN E 156 -18.18 -18.62 13.79
CA GLN E 156 -18.41 -17.18 13.73
C GLN E 156 -17.28 -16.50 12.99
N SER E 157 -17.58 -15.34 12.40
CA SER E 157 -16.60 -14.59 11.62
C SER E 157 -16.78 -13.10 11.84
N GLY E 158 -15.67 -12.41 12.05
CA GLY E 158 -15.66 -10.95 12.06
C GLY E 158 -16.50 -10.28 13.12
N ASN E 159 -16.86 -11.00 14.19
CA ASN E 159 -17.58 -10.40 15.31
C ASN E 159 -16.88 -10.67 16.62
N SER E 160 -15.55 -10.86 16.58
CA SER E 160 -14.77 -11.08 17.79
C SER E 160 -13.44 -10.36 17.66
N GLN E 161 -12.85 -10.05 18.82
CA GLN E 161 -11.55 -9.38 18.87
C GLN E 161 -10.69 -10.03 19.94
N GLU E 162 -9.40 -10.16 19.68
CA GLU E 162 -8.46 -10.80 20.59
C GLU E 162 -7.52 -9.78 21.21
N SER E 163 -7.00 -10.12 22.39
CA SER E 163 -6.00 -9.31 23.07
C SER E 163 -5.08 -10.24 23.84
N VAL E 164 -3.78 -9.94 23.79
CA VAL E 164 -2.75 -10.82 24.34
C VAL E 164 -1.82 -10.01 25.23
N THR E 165 -1.42 -10.59 26.35
CA THR E 165 -0.38 -10.00 27.18
C THR E 165 1.00 -10.35 26.62
N GLU E 166 2.01 -9.62 27.09
CA GLU E 166 3.39 -10.01 26.84
C GLU E 166 3.79 -11.10 27.83
N GLN E 167 4.99 -11.64 27.64
CA GLN E 167 5.50 -12.68 28.52
C GLN E 167 5.46 -12.21 29.98
N ASP E 168 4.89 -13.04 30.83
CA ASP E 168 4.83 -12.71 32.25
C ASP E 168 6.24 -12.65 32.82
N SER E 169 6.46 -11.70 33.73
CA SER E 169 7.79 -11.52 34.30
C SER E 169 8.21 -12.72 35.14
N LYS E 170 7.25 -13.44 35.70
CA LYS E 170 7.57 -14.58 36.58
C LYS E 170 7.72 -15.88 35.80
N ASP E 171 6.64 -16.34 35.15
CA ASP E 171 6.61 -17.67 34.56
C ASP E 171 6.77 -17.65 33.04
N SER E 172 6.91 -16.48 32.42
CA SER E 172 7.16 -16.37 30.99
C SER E 172 6.02 -16.94 30.14
N THR E 173 4.81 -16.94 30.67
CA THR E 173 3.65 -17.40 29.93
C THR E 173 2.88 -16.23 29.36
N TYR E 174 1.94 -16.55 28.47
CA TYR E 174 1.02 -15.58 27.90
C TYR E 174 -0.39 -15.85 28.39
N SER E 175 -1.21 -14.82 28.38
CA SER E 175 -2.65 -14.94 28.54
C SER E 175 -3.34 -14.23 27.38
N LEU E 176 -4.50 -14.72 27.00
CA LEU E 176 -5.18 -14.25 25.81
C LEU E 176 -6.66 -14.10 26.11
N SER E 177 -7.26 -13.07 25.52
CA SER E 177 -8.67 -12.76 25.72
C SER E 177 -9.33 -12.62 24.37
N SER E 178 -10.39 -13.40 24.13
CA SER E 178 -11.21 -13.30 22.93
C SER E 178 -12.62 -12.89 23.35
N THR E 179 -13.11 -11.80 22.78
CA THR E 179 -14.40 -11.23 23.14
C THR E 179 -15.34 -11.29 21.94
N LEU E 180 -16.44 -12.01 22.10
CA LEU E 180 -17.47 -12.09 21.08
C LEU E 180 -18.55 -11.05 21.39
N THR E 181 -18.78 -10.13 20.46
CA THR E 181 -19.71 -9.02 20.66
C THR E 181 -20.95 -9.26 19.82
N LEU E 182 -22.11 -9.27 20.47
CA LEU E 182 -23.40 -9.47 19.80
C LEU E 182 -24.38 -8.42 20.28
N SER E 183 -25.31 -8.06 19.41
CA SER E 183 -26.49 -7.32 19.84
C SER E 183 -27.37 -8.22 20.70
N LYS E 184 -28.17 -7.60 21.56
CA LYS E 184 -29.02 -8.39 22.44
C LYS E 184 -29.99 -9.26 21.62
N ALA E 185 -30.56 -8.69 20.56
CA ALA E 185 -31.51 -9.44 19.74
C ALA E 185 -30.87 -10.71 19.19
N ASP E 186 -29.66 -10.59 18.64
CA ASP E 186 -28.95 -11.77 18.14
C ASP E 186 -28.64 -12.75 19.27
N TYR E 187 -28.26 -12.23 20.44
CA TYR E 187 -27.90 -13.10 21.56
C TYR E 187 -29.09 -13.94 22.02
N GLU E 188 -30.28 -13.34 22.06
CA GLU E 188 -31.45 -14.05 22.56
C GLU E 188 -31.91 -15.18 21.63
N LYS E 189 -31.47 -15.17 20.37
CA LYS E 189 -31.91 -16.20 19.43
C LYS E 189 -31.30 -17.56 19.77
N HIS E 190 -29.99 -17.60 19.99
CA HIS E 190 -29.26 -18.84 20.09
C HIS E 190 -29.10 -19.28 21.55
N LYS E 191 -28.66 -20.52 21.72
CA LYS E 191 -28.53 -21.14 23.03
C LYS E 191 -27.09 -21.48 23.38
N VAL E 192 -26.42 -22.30 22.58
CA VAL E 192 -25.10 -22.83 22.92
C VAL E 192 -24.04 -21.85 22.44
N TYR E 193 -23.29 -21.28 23.40
CA TYR E 193 -22.16 -20.41 23.11
C TYR E 193 -20.89 -21.12 23.54
N ALA E 194 -20.05 -21.46 22.58
CA ALA E 194 -18.88 -22.30 22.80
C ALA E 194 -17.61 -21.57 22.40
N CYS E 195 -16.51 -21.89 23.10
CA CYS E 195 -15.20 -21.35 22.81
C CYS E 195 -14.24 -22.53 22.63
N GLU E 196 -13.68 -22.67 21.43
CA GLU E 196 -12.88 -23.82 21.07
C GLU E 196 -11.42 -23.38 20.91
N VAL E 197 -10.54 -23.96 21.71
CA VAL E 197 -9.14 -23.55 21.79
C VAL E 197 -8.27 -24.66 21.18
N THR E 198 -7.47 -24.30 20.19
CA THR E 198 -6.42 -25.15 19.66
C THR E 198 -5.09 -24.60 20.12
N HIS E 199 -4.24 -25.46 20.68
CA HIS E 199 -2.94 -25.03 21.18
C HIS E 199 -2.00 -26.21 21.19
N GLN E 200 -0.70 -25.91 21.07
CA GLN E 200 0.31 -26.97 20.96
C GLN E 200 0.30 -27.86 22.19
N GLY E 201 0.21 -27.29 23.38
CA GLY E 201 0.21 -28.04 24.63
C GLY E 201 -1.03 -28.88 24.86
N LEU E 202 -2.02 -28.81 24.00
CA LEU E 202 -3.20 -29.67 24.07
C LEU E 202 -3.09 -30.77 23.03
N SER E 203 -3.44 -32.00 23.42
CA SER E 203 -3.42 -33.09 22.45
C SER E 203 -4.60 -33.01 21.49
N SER E 204 -5.71 -32.40 21.90
CA SER E 204 -6.82 -32.15 21.01
C SER E 204 -7.54 -30.89 21.46
N PRO E 205 -8.26 -30.21 20.57
CA PRO E 205 -8.97 -28.99 20.95
C PRO E 205 -9.81 -29.16 22.21
N VAL E 206 -9.77 -28.12 23.06
CA VAL E 206 -10.61 -28.04 24.25
C VAL E 206 -11.75 -27.08 23.97
N THR E 207 -12.92 -27.37 24.52
CA THR E 207 -14.10 -26.54 24.32
C THR E 207 -14.71 -26.20 25.68
N LYS E 208 -14.97 -24.92 25.89
CA LYS E 208 -15.74 -24.43 27.04
C LYS E 208 -16.98 -23.72 26.50
N SER E 209 -18.12 -24.01 27.11
CA SER E 209 -19.39 -23.49 26.60
C SER E 209 -20.38 -23.33 27.75
N PHE E 210 -21.47 -22.60 27.44
CA PHE E 210 -22.62 -22.46 28.30
C PHE E 210 -23.87 -22.39 27.42
N ASN E 211 -25.03 -22.33 28.06
CA ASN E 211 -26.30 -22.22 27.33
C ASN E 211 -26.93 -20.84 27.53
N ASP F 2 1.32 7.59 -5.54
CA ASP F 2 0.86 7.91 -4.19
C ASP F 2 -0.60 8.37 -4.21
N ILE F 3 -0.96 9.16 -5.21
CA ILE F 3 -2.33 9.67 -5.28
C ILE F 3 -3.30 8.50 -5.45
N GLN F 4 -4.44 8.59 -4.77
CA GLN F 4 -5.48 7.58 -4.84
C GLN F 4 -6.74 8.20 -5.39
N MET F 5 -7.46 7.44 -6.20
CA MET F 5 -8.79 7.79 -6.66
C MET F 5 -9.74 6.78 -6.02
N THR F 6 -10.41 7.22 -4.95
CA THR F 6 -11.28 6.34 -4.17
C THR F 6 -12.68 6.39 -4.75
N GLN F 7 -13.08 5.32 -5.42
CA GLN F 7 -14.35 5.23 -6.11
C GLN F 7 -15.37 4.53 -5.23
N SER F 8 -16.56 5.11 -5.13
CA SER F 8 -17.63 4.51 -4.35
C SER F 8 -18.99 4.84 -4.97
N PRO F 9 -19.98 3.94 -4.81
CA PRO F 9 -19.88 2.63 -4.15
C PRO F 9 -19.22 1.58 -5.04
N SER F 10 -18.86 0.43 -4.46
CA SER F 10 -18.32 -0.66 -5.27
C SER F 10 -19.38 -1.24 -6.18
N SER F 11 -20.64 -1.21 -5.76
CA SER F 11 -21.74 -1.69 -6.58
C SER F 11 -23.02 -1.01 -6.13
N LEU F 12 -23.97 -0.92 -7.04
CA LEU F 12 -25.28 -0.35 -6.73
C LEU F 12 -26.31 -1.01 -7.64
N SER F 13 -27.52 -1.16 -7.11
CA SER F 13 -28.65 -1.71 -7.85
C SER F 13 -29.61 -0.60 -8.21
N ALA F 14 -30.09 -0.62 -9.46
CA ALA F 14 -30.99 0.42 -9.94
C ALA F 14 -31.94 -0.19 -10.97
N SER F 15 -32.91 0.61 -11.40
CA SER F 15 -33.89 0.20 -12.38
C SER F 15 -33.78 1.09 -13.62
N VAL F 16 -34.34 0.59 -14.73
CA VAL F 16 -34.44 1.40 -15.94
C VAL F 16 -35.16 2.69 -15.62
N GLY F 17 -34.57 3.82 -16.02
CA GLY F 17 -35.13 5.13 -15.77
C GLY F 17 -34.58 5.82 -14.54
N ASP F 18 -33.94 5.08 -13.63
CA ASP F 18 -33.43 5.69 -12.40
C ASP F 18 -32.25 6.60 -12.69
N ARG F 19 -32.07 7.58 -11.81
CA ARG F 19 -30.92 8.47 -11.83
C ARG F 19 -29.90 7.94 -10.81
N VAL F 20 -28.71 7.57 -11.29
CA VAL F 20 -27.68 7.01 -10.43
C VAL F 20 -26.46 7.92 -10.44
N THR F 21 -25.66 7.82 -9.39
CA THR F 21 -24.54 8.70 -9.14
C THR F 21 -23.35 7.87 -8.67
N ILE F 22 -22.20 8.08 -9.28
CA ILE F 22 -20.95 7.41 -8.91
C ILE F 22 -19.94 8.48 -8.57
N THR F 23 -19.29 8.33 -7.41
CA THR F 23 -18.36 9.31 -6.89
C THR F 23 -16.94 8.75 -6.90
N CYS F 24 -15.97 9.64 -7.05
CA CYS F 24 -14.56 9.25 -7.09
C CYS F 24 -13.76 10.39 -6.47
N ARG F 25 -13.16 10.14 -5.31
CA ARG F 25 -12.50 11.17 -4.53
C ARG F 25 -10.99 11.13 -4.78
N ALA F 26 -10.44 12.25 -5.23
CA ALA F 26 -9.00 12.39 -5.35
C ALA F 26 -8.39 12.68 -3.99
N SER F 27 -7.34 11.93 -3.63
CA SER F 27 -6.69 12.13 -2.35
C SER F 27 -5.89 13.43 -2.30
N GLN F 28 -5.69 14.09 -3.44
CA GLN F 28 -5.07 15.40 -3.45
C GLN F 28 -5.64 16.19 -4.64
N SER F 29 -5.34 17.48 -4.68
CA SER F 29 -6.03 18.37 -5.61
C SER F 29 -5.77 17.95 -7.05
N VAL F 30 -6.84 17.94 -7.84
CA VAL F 30 -6.77 17.70 -9.27
C VAL F 30 -7.57 18.78 -9.98
N SER F 31 -6.98 19.36 -11.02
CA SER F 31 -7.63 20.49 -11.70
C SER F 31 -8.78 20.02 -12.59
N SER F 32 -8.49 19.23 -13.62
CA SER F 32 -9.54 18.81 -14.54
C SER F 32 -9.28 17.45 -15.19
N ALA F 33 -8.07 16.92 -15.07
CA ALA F 33 -7.69 15.70 -15.80
C ALA F 33 -8.28 14.47 -15.09
N VAL F 34 -9.60 14.33 -15.22
CA VAL F 34 -10.33 13.18 -14.70
C VAL F 34 -11.25 12.66 -15.80
N ALA F 35 -11.32 11.35 -15.94
CA ALA F 35 -12.11 10.71 -16.98
C ALA F 35 -12.94 9.59 -16.39
N TRP F 36 -13.97 9.19 -17.13
CA TRP F 36 -14.86 8.08 -16.75
C TRP F 36 -14.97 7.11 -17.91
N TYR F 37 -14.94 5.81 -17.59
CA TYR F 37 -14.99 4.75 -18.58
C TYR F 37 -16.08 3.75 -18.26
N GLN F 38 -16.60 3.11 -19.30
CA GLN F 38 -17.59 2.04 -19.18
C GLN F 38 -16.98 0.77 -19.73
N GLN F 39 -17.12 -0.33 -19.00
CA GLN F 39 -16.65 -1.63 -19.48
C GLN F 39 -17.72 -2.67 -19.30
N LYS F 40 -17.97 -3.43 -20.35
CA LYS F 40 -18.85 -4.59 -20.34
C LYS F 40 -18.02 -5.87 -20.36
N PRO F 41 -18.57 -6.97 -19.85
CA PRO F 41 -17.76 -8.18 -19.67
C PRO F 41 -17.09 -8.63 -20.96
N GLY F 42 -15.79 -8.92 -20.88
CA GLY F 42 -15.05 -9.42 -22.01
C GLY F 42 -14.79 -8.41 -23.11
N LYS F 43 -15.05 -7.13 -22.86
CA LYS F 43 -14.91 -6.09 -23.88
C LYS F 43 -13.91 -5.04 -23.43
N ALA F 44 -13.41 -4.29 -24.40
CA ALA F 44 -12.49 -3.21 -24.09
C ALA F 44 -13.25 -2.05 -23.45
N PRO F 45 -12.64 -1.32 -22.51
CA PRO F 45 -13.32 -0.14 -21.95
C PRO F 45 -13.59 0.90 -23.03
N LYS F 46 -14.51 1.81 -22.70
CA LYS F 46 -14.94 2.86 -23.61
C LYS F 46 -14.95 4.18 -22.86
N LEU F 47 -14.44 5.23 -23.49
CA LEU F 47 -14.36 6.54 -22.86
C LEU F 47 -15.72 7.24 -22.89
N LEU F 48 -16.16 7.71 -21.72
CA LEU F 48 -17.41 8.46 -21.58
C LEU F 48 -17.16 9.94 -21.38
N ILE F 49 -16.39 10.29 -20.35
CA ILE F 49 -16.17 11.67 -19.96
C ILE F 49 -14.68 11.88 -19.82
N TYR F 50 -14.19 13.03 -20.29
CA TYR F 50 -12.81 13.44 -20.07
C TYR F 50 -12.81 14.89 -19.62
N SER F 51 -11.68 15.32 -19.06
CA SER F 51 -11.55 16.67 -18.53
C SER F 51 -12.65 16.96 -17.52
N ALA F 52 -13.02 15.93 -16.74
CA ALA F 52 -13.99 16.03 -15.65
C ALA F 52 -15.43 16.12 -16.12
N SER F 53 -15.69 16.85 -17.21
CA SER F 53 -17.07 17.11 -17.58
C SER F 53 -17.31 17.18 -19.09
N SER F 54 -16.33 16.89 -19.94
CA SER F 54 -16.51 16.96 -21.39
C SER F 54 -17.00 15.62 -21.90
N LEU F 55 -18.19 15.62 -22.49
CA LEU F 55 -18.74 14.41 -23.08
C LEU F 55 -17.95 14.04 -24.34
N TYR F 56 -17.54 12.79 -24.43
CA TYR F 56 -16.79 12.33 -25.60
C TYR F 56 -17.73 12.05 -26.76
N SER F 57 -17.22 12.24 -27.98
CA SER F 57 -18.05 12.14 -29.18
C SER F 57 -18.77 10.81 -29.24
N GLY F 58 -20.07 10.86 -29.56
CA GLY F 58 -20.87 9.67 -29.70
C GLY F 58 -21.45 9.12 -28.41
N VAL F 59 -21.01 9.63 -27.27
CA VAL F 59 -21.51 9.13 -25.98
C VAL F 59 -22.88 9.76 -25.71
N PRO F 60 -23.88 8.99 -25.27
CA PRO F 60 -25.19 9.58 -25.00
C PRO F 60 -25.09 10.67 -23.94
N SER F 61 -25.93 11.70 -24.10
CA SER F 61 -25.90 12.85 -23.20
C SER F 61 -26.40 12.53 -21.80
N ARG F 62 -27.00 11.36 -21.59
CA ARG F 62 -27.44 11.01 -20.24
C ARG F 62 -26.26 10.74 -19.30
N PHE F 63 -25.07 10.54 -19.85
CA PHE F 63 -23.85 10.50 -19.05
C PHE F 63 -23.30 11.91 -18.93
N SER F 64 -23.05 12.36 -17.71
CA SER F 64 -22.43 13.64 -17.48
C SER F 64 -21.47 13.55 -16.30
N GLY F 65 -20.42 14.34 -16.36
CA GLY F 65 -19.44 14.40 -15.30
C GLY F 65 -19.44 15.78 -14.66
N SER F 66 -19.24 15.82 -13.35
CA SER F 66 -19.18 17.07 -12.62
C SER F 66 -18.13 16.93 -11.51
N ARG F 67 -17.94 18.00 -10.76
CA ARG F 67 -16.92 18.02 -9.72
C ARG F 67 -17.35 18.96 -8.61
N SER F 68 -16.98 18.60 -7.38
CA SER F 68 -17.16 19.46 -6.22
C SER F 68 -15.92 19.28 -5.35
N GLY F 69 -14.97 20.20 -5.48
CA GLY F 69 -13.71 20.08 -4.79
C GLY F 69 -12.89 18.92 -5.32
N THR F 70 -12.51 18.00 -4.46
CA THR F 70 -11.81 16.79 -4.87
C THR F 70 -12.76 15.62 -5.15
N ASP F 71 -14.06 15.86 -5.10
CA ASP F 71 -15.05 14.84 -5.46
C ASP F 71 -15.43 14.98 -6.92
N PHE F 72 -15.28 13.88 -7.66
CA PHE F 72 -15.63 13.83 -9.07
C PHE F 72 -16.77 12.85 -9.25
N THR F 73 -17.84 13.30 -9.91
CA THR F 73 -19.09 12.56 -9.98
C THR F 73 -19.44 12.22 -11.42
N LEU F 74 -19.91 10.99 -11.60
CA LEU F 74 -20.53 10.56 -12.86
C LEU F 74 -22.01 10.34 -12.61
N THR F 75 -22.85 11.01 -13.41
CA THR F 75 -24.29 10.89 -13.28
C THR F 75 -24.85 10.26 -14.55
N ILE F 76 -25.70 9.26 -14.38
CA ILE F 76 -26.45 8.66 -15.47
C ILE F 76 -27.91 8.99 -15.22
N SER F 77 -28.39 10.05 -15.86
CA SER F 77 -29.81 10.39 -15.76
C SER F 77 -30.61 9.41 -16.62
N SER F 78 -31.56 8.72 -16.01
CA SER F 78 -32.42 7.79 -16.73
C SER F 78 -31.63 6.62 -17.31
N LEU F 79 -31.41 5.58 -16.51
CA LEU F 79 -30.69 4.40 -16.96
C LEU F 79 -31.43 3.71 -18.10
N GLN F 80 -30.67 3.21 -19.06
CA GLN F 80 -31.18 2.31 -20.08
C GLN F 80 -30.64 0.90 -19.84
N PRO F 81 -31.25 -0.13 -20.44
CA PRO F 81 -30.77 -1.49 -20.20
C PRO F 81 -29.32 -1.71 -20.61
N GLU F 82 -28.83 -0.99 -21.61
CA GLU F 82 -27.45 -1.16 -22.05
C GLU F 82 -26.44 -0.47 -21.12
N ASP F 83 -26.92 0.33 -20.16
CA ASP F 83 -26.03 1.05 -19.27
C ASP F 83 -25.57 0.23 -18.07
N PHE F 84 -26.17 -0.93 -17.83
CA PHE F 84 -25.74 -1.77 -16.72
C PHE F 84 -24.41 -2.42 -17.07
N ALA F 85 -23.39 -2.09 -16.29
CA ALA F 85 -22.01 -2.39 -16.62
C ALA F 85 -21.10 -1.93 -15.50
N THR F 86 -19.79 -2.06 -15.68
CA THR F 86 -18.83 -1.56 -14.71
C THR F 86 -18.29 -0.21 -15.19
N TYR F 87 -18.11 0.72 -14.25
CA TYR F 87 -17.63 2.06 -14.55
C TYR F 87 -16.39 2.37 -13.73
N TYR F 88 -15.41 3.02 -14.37
CA TYR F 88 -14.14 3.35 -13.75
C TYR F 88 -13.86 4.84 -13.91
N CYS F 89 -13.39 5.47 -12.82
CA CYS F 89 -12.83 6.81 -12.91
C CYS F 89 -11.32 6.72 -13.13
N GLN F 90 -10.73 7.86 -13.48
CA GLN F 90 -9.31 7.94 -13.76
C GLN F 90 -8.86 9.37 -13.52
N GLN F 91 -7.65 9.52 -13.00
CA GLN F 91 -6.97 10.81 -12.97
C GLN F 91 -5.67 10.69 -13.76
N SER F 92 -5.33 11.75 -14.47
CA SER F 92 -4.11 11.76 -15.28
C SER F 92 -3.38 13.09 -15.17
N GLN F 93 -3.55 13.80 -14.05
CA GLN F 93 -2.72 14.98 -13.77
C GLN F 93 -1.41 14.57 -13.12
N TRP F 94 -1.50 13.92 -11.96
CA TRP F 94 -0.32 13.55 -11.20
C TRP F 94 0.28 12.24 -11.71
N TYR F 95 1.59 12.12 -11.60
CA TYR F 95 2.22 10.83 -11.75
C TYR F 95 1.94 10.03 -10.49
N PRO F 96 1.50 8.77 -10.62
CA PRO F 96 1.18 8.03 -11.85
C PRO F 96 -0.30 8.10 -12.20
N ILE F 97 -0.62 7.97 -13.49
CA ILE F 97 -2.00 7.78 -13.90
C ILE F 97 -2.61 6.65 -13.09
N THR F 98 -3.82 6.87 -12.58
CA THR F 98 -4.45 5.91 -11.68
C THR F 98 -5.92 5.77 -12.03
N PHE F 99 -6.40 4.53 -12.03
CA PHE F 99 -7.81 4.21 -12.14
C PHE F 99 -8.41 4.02 -10.76
N GLY F 100 -9.68 4.35 -10.63
CA GLY F 100 -10.43 3.94 -9.47
C GLY F 100 -10.68 2.45 -9.48
N GLN F 101 -11.24 1.96 -8.37
CA GLN F 101 -11.44 0.52 -8.22
C GLN F 101 -12.63 0.01 -9.02
N GLY F 102 -13.58 0.87 -9.37
CA GLY F 102 -14.67 0.50 -10.24
C GLY F 102 -15.98 0.37 -9.48
N THR F 103 -17.09 0.49 -10.23
CA THR F 103 -18.42 0.39 -9.67
C THR F 103 -19.27 -0.48 -10.59
N LYS F 104 -19.88 -1.53 -10.03
CA LYS F 104 -20.84 -2.33 -10.76
C LYS F 104 -22.23 -1.71 -10.67
N VAL F 105 -22.82 -1.37 -11.80
CA VAL F 105 -24.20 -0.90 -11.85
C VAL F 105 -25.06 -2.07 -12.29
N GLU F 106 -25.80 -2.65 -11.34
CA GLU F 106 -26.58 -3.85 -11.56
C GLU F 106 -28.07 -3.54 -11.54
N ILE F 107 -28.86 -4.48 -12.04
CA ILE F 107 -30.29 -4.28 -12.23
C ILE F 107 -31.01 -4.70 -10.96
N LYS F 108 -31.93 -3.86 -10.50
CA LYS F 108 -32.80 -4.21 -9.40
C LYS F 108 -34.00 -4.99 -9.91
N ARG F 109 -34.37 -6.04 -9.18
CA ARG F 109 -35.54 -6.84 -9.52
C ARG F 109 -36.16 -7.37 -8.24
N THR F 110 -37.27 -8.07 -8.38
CA THR F 110 -37.95 -8.68 -7.25
C THR F 110 -37.11 -9.82 -6.67
N VAL F 111 -37.37 -10.11 -5.39
CA VAL F 111 -36.67 -11.20 -4.72
C VAL F 111 -37.05 -12.52 -5.38
N ALA F 112 -36.05 -13.39 -5.55
CA ALA F 112 -36.27 -14.72 -6.12
C ALA F 112 -35.43 -15.71 -5.33
N ALA F 113 -36.08 -16.77 -4.84
CA ALA F 113 -35.36 -17.78 -4.09
C ALA F 113 -34.53 -18.66 -5.04
N PRO F 114 -33.41 -19.21 -4.56
CA PRO F 114 -32.63 -20.11 -5.41
C PRO F 114 -33.29 -21.47 -5.55
N SER F 115 -33.13 -22.06 -6.74
CA SER F 115 -33.38 -23.48 -6.93
C SER F 115 -32.11 -24.23 -6.53
N VAL F 116 -32.20 -25.05 -5.49
CA VAL F 116 -31.04 -25.71 -4.91
C VAL F 116 -30.94 -27.12 -5.45
N PHE F 117 -29.75 -27.49 -5.93
CA PHE F 117 -29.45 -28.84 -6.37
C PHE F 117 -28.16 -29.30 -5.71
N ILE F 118 -28.08 -30.60 -5.41
CA ILE F 118 -26.88 -31.20 -4.83
C ILE F 118 -26.42 -32.34 -5.72
N PHE F 119 -25.13 -32.40 -5.97
CA PHE F 119 -24.55 -33.37 -6.89
C PHE F 119 -23.54 -34.24 -6.12
N PRO F 120 -23.71 -35.56 -6.08
CA PRO F 120 -22.68 -36.41 -5.44
C PRO F 120 -21.43 -36.47 -6.30
N PRO F 121 -20.30 -36.91 -5.74
CA PRO F 121 -19.10 -37.09 -6.56
C PRO F 121 -19.24 -38.26 -7.51
N SER F 122 -18.69 -38.09 -8.71
CA SER F 122 -18.81 -39.12 -9.73
C SER F 122 -17.94 -40.33 -9.39
N ASP F 123 -18.28 -41.47 -9.99
CA ASP F 123 -17.52 -42.69 -9.74
C ASP F 123 -16.08 -42.55 -10.26
N SER F 124 -15.91 -41.93 -11.43
CA SER F 124 -14.57 -41.77 -11.99
C SER F 124 -13.69 -40.91 -11.10
N GLN F 125 -14.27 -39.90 -10.43
CA GLN F 125 -13.48 -39.08 -9.53
C GLN F 125 -13.11 -39.86 -8.27
N LEU F 126 -14.08 -40.58 -7.70
CA LEU F 126 -13.80 -41.40 -6.53
C LEU F 126 -12.67 -42.37 -6.80
N LYS F 127 -12.63 -42.97 -8.00
CA LYS F 127 -11.59 -43.93 -8.33
C LYS F 127 -10.19 -43.30 -8.28
N SER F 128 -10.09 -41.97 -8.37
CA SER F 128 -8.82 -41.28 -8.28
C SER F 128 -8.53 -40.75 -6.88
N GLY F 129 -9.35 -41.09 -5.89
CA GLY F 129 -9.03 -40.82 -4.51
C GLY F 129 -9.46 -39.48 -3.96
N THR F 130 -10.37 -38.78 -4.63
CA THR F 130 -10.89 -37.51 -4.11
C THR F 130 -12.39 -37.44 -4.38
N ALA F 131 -13.10 -36.74 -3.50
CA ALA F 131 -14.55 -36.61 -3.58
C ALA F 131 -14.92 -35.13 -3.55
N SER F 132 -15.58 -34.67 -4.61
CA SER F 132 -16.07 -33.30 -4.70
C SER F 132 -17.59 -33.33 -4.70
N VAL F 133 -18.19 -32.74 -3.66
CA VAL F 133 -19.64 -32.61 -3.56
C VAL F 133 -19.99 -31.16 -3.92
N VAL F 134 -20.86 -31.00 -4.91
CA VAL F 134 -21.21 -29.70 -5.45
C VAL F 134 -22.66 -29.38 -5.09
N CYS F 135 -22.90 -28.17 -4.62
CA CYS F 135 -24.25 -27.66 -4.36
C CYS F 135 -24.48 -26.43 -5.22
N LEU F 136 -25.58 -26.44 -5.97
CA LEU F 136 -25.89 -25.39 -6.94
C LEU F 136 -27.08 -24.57 -6.44
N LEU F 137 -26.87 -23.28 -6.24
CA LEU F 137 -27.95 -22.33 -6.01
C LEU F 137 -28.17 -21.57 -7.31
N ASN F 138 -29.29 -21.80 -7.97
CA ASN F 138 -29.50 -21.34 -9.33
C ASN F 138 -30.56 -20.24 -9.39
N ASN F 139 -30.24 -19.15 -10.07
CA ASN F 139 -31.20 -18.11 -10.42
C ASN F 139 -31.93 -17.57 -9.18
N PHE F 140 -31.19 -16.78 -8.41
CA PHE F 140 -31.73 -16.15 -7.21
C PHE F 140 -31.37 -14.68 -7.19
N TYR F 141 -32.10 -13.95 -6.36
CA TYR F 141 -31.84 -12.53 -6.14
C TYR F 141 -32.33 -12.16 -4.74
N PRO F 142 -31.57 -11.32 -4.01
CA PRO F 142 -30.30 -10.68 -4.37
C PRO F 142 -29.08 -11.57 -4.17
N ARG F 143 -27.89 -11.00 -4.38
CA ARG F 143 -26.66 -11.77 -4.37
C ARG F 143 -26.42 -12.42 -3.01
N GLU F 144 -26.91 -11.82 -1.93
CA GLU F 144 -26.63 -12.32 -0.59
C GLU F 144 -27.18 -13.73 -0.41
N ALA F 145 -26.29 -14.68 -0.13
CA ALA F 145 -26.69 -16.05 0.10
C ALA F 145 -25.64 -16.74 0.97
N LYS F 146 -26.07 -17.80 1.65
CA LYS F 146 -25.22 -18.51 2.58
C LYS F 146 -25.45 -20.01 2.43
N VAL F 147 -24.37 -20.77 2.34
CA VAL F 147 -24.43 -22.22 2.21
C VAL F 147 -23.74 -22.84 3.42
N GLN F 148 -24.42 -23.80 4.06
CA GLN F 148 -23.88 -24.54 5.18
C GLN F 148 -23.88 -26.03 4.84
N TRP F 149 -22.69 -26.63 4.83
CA TRP F 149 -22.55 -28.06 4.59
C TRP F 149 -22.72 -28.82 5.89
N LYS F 150 -23.37 -29.98 5.81
CA LYS F 150 -23.57 -30.84 6.96
C LYS F 150 -23.34 -32.29 6.55
N VAL F 151 -22.49 -32.97 7.32
CA VAL F 151 -22.17 -34.39 7.10
C VAL F 151 -22.63 -35.12 8.35
N ASP F 152 -23.71 -35.88 8.24
CA ASP F 152 -24.33 -36.51 9.40
C ASP F 152 -24.66 -35.46 10.45
N ASN F 153 -25.18 -34.32 9.99
CA ASN F 153 -25.61 -33.19 10.81
C ASN F 153 -24.45 -32.47 11.50
N ALA F 154 -23.20 -32.86 11.22
CA ALA F 154 -22.05 -32.16 11.74
C ALA F 154 -21.69 -31.01 10.80
N LEU F 155 -21.81 -29.79 11.29
CA LEU F 155 -21.52 -28.62 10.46
C LEU F 155 -20.05 -28.58 10.09
N GLN F 156 -19.77 -28.24 8.83
CA GLN F 156 -18.44 -28.33 8.26
C GLN F 156 -17.74 -26.97 8.28
N SER F 157 -16.42 -27.00 8.22
CA SER F 157 -15.61 -25.79 8.38
C SER F 157 -14.39 -25.88 7.48
N GLY F 158 -14.20 -24.87 6.62
CA GLY F 158 -12.96 -24.70 5.89
C GLY F 158 -12.59 -25.83 4.96
N ASN F 159 -13.58 -26.58 4.47
CA ASN F 159 -13.36 -27.60 3.44
C ASN F 159 -14.25 -27.36 2.24
N SER F 160 -14.60 -26.10 1.98
CA SER F 160 -15.46 -25.75 0.85
C SER F 160 -15.03 -24.42 0.26
N GLN F 161 -15.39 -24.23 -1.00
CA GLN F 161 -15.13 -22.99 -1.72
C GLN F 161 -16.35 -22.62 -2.52
N GLU F 162 -16.64 -21.32 -2.60
CA GLU F 162 -17.78 -20.81 -3.33
C GLU F 162 -17.34 -20.12 -4.61
N SER F 163 -18.26 -20.01 -5.56
CA SER F 163 -18.07 -19.25 -6.77
C SER F 163 -19.42 -18.72 -7.22
N VAL F 164 -19.43 -17.50 -7.75
CA VAL F 164 -20.67 -16.79 -8.07
C VAL F 164 -20.57 -16.26 -9.50
N THR F 165 -21.68 -16.32 -10.23
CA THR F 165 -21.77 -15.69 -11.52
C THR F 165 -22.14 -14.22 -11.37
N GLU F 166 -22.04 -13.49 -12.47
CA GLU F 166 -22.58 -12.13 -12.53
C GLU F 166 -24.05 -12.18 -12.94
N GLN F 167 -24.72 -11.05 -12.78
CA GLN F 167 -26.13 -10.97 -13.13
C GLN F 167 -26.38 -11.49 -14.53
N ASP F 168 -27.33 -12.42 -14.65
CA ASP F 168 -27.71 -12.90 -15.96
C ASP F 168 -28.30 -11.76 -16.78
N SER F 169 -28.03 -11.77 -18.09
CA SER F 169 -28.52 -10.71 -18.94
C SER F 169 -30.02 -10.76 -19.14
N LYS F 170 -30.63 -11.95 -19.06
CA LYS F 170 -32.06 -12.08 -19.29
C LYS F 170 -32.86 -11.76 -18.03
N ASP F 171 -32.71 -12.58 -16.99
CA ASP F 171 -33.56 -12.52 -15.81
C ASP F 171 -32.90 -11.81 -14.63
N SER F 172 -31.67 -11.33 -14.76
CA SER F 172 -31.04 -10.49 -13.75
C SER F 172 -30.80 -11.23 -12.43
N THR F 173 -30.68 -12.56 -12.50
CA THR F 173 -30.45 -13.36 -11.30
C THR F 173 -28.98 -13.75 -11.19
N TYR F 174 -28.64 -14.28 -10.03
CA TYR F 174 -27.31 -14.85 -9.78
C TYR F 174 -27.41 -16.35 -9.62
N SER F 175 -26.28 -17.02 -9.84
CA SER F 175 -26.12 -18.42 -9.51
C SER F 175 -24.82 -18.59 -8.74
N LEU F 176 -24.80 -19.60 -7.86
CA LEU F 176 -23.69 -19.78 -6.94
C LEU F 176 -23.36 -21.27 -6.84
N SER F 177 -22.07 -21.57 -6.74
CA SER F 177 -21.59 -22.94 -6.69
C SER F 177 -20.71 -23.10 -5.45
N SER F 178 -21.07 -24.06 -4.60
CA SER F 178 -20.27 -24.42 -3.44
C SER F 178 -19.79 -25.85 -3.60
N THR F 179 -18.49 -26.07 -3.44
CA THR F 179 -17.88 -27.37 -3.64
C THR F 179 -17.24 -27.84 -2.34
N LEU F 180 -17.76 -28.93 -1.80
CA LEU F 180 -17.19 -29.57 -0.61
C LEU F 180 -16.18 -30.61 -1.07
N THR F 181 -14.92 -30.42 -0.68
CA THR F 181 -13.83 -31.30 -1.10
C THR F 181 -13.46 -32.25 0.03
N LEU F 182 -13.44 -33.55 -0.27
CA LEU F 182 -13.15 -34.59 0.70
C LEU F 182 -12.15 -35.57 0.10
N SER F 183 -11.34 -36.16 0.97
CA SER F 183 -10.56 -37.33 0.58
C SER F 183 -11.50 -38.53 0.47
N LYS F 184 -11.11 -39.49 -0.37
CA LYS F 184 -11.95 -40.67 -0.54
C LYS F 184 -12.16 -41.37 0.80
N ALA F 185 -11.08 -41.54 1.57
CA ALA F 185 -11.20 -42.22 2.87
C ALA F 185 -12.22 -41.51 3.75
N ASP F 186 -12.12 -40.19 3.86
CA ASP F 186 -13.09 -39.44 4.65
C ASP F 186 -14.50 -39.60 4.11
N TYR F 187 -14.64 -39.52 2.78
CA TYR F 187 -15.97 -39.62 2.16
C TYR F 187 -16.63 -40.95 2.51
N GLU F 188 -15.88 -42.04 2.47
CA GLU F 188 -16.44 -43.35 2.76
C GLU F 188 -16.89 -43.49 4.22
N LYS F 189 -16.43 -42.62 5.11
CA LYS F 189 -16.81 -42.73 6.51
C LYS F 189 -18.29 -42.43 6.71
N HIS F 190 -18.76 -41.31 6.16
CA HIS F 190 -20.06 -40.76 6.50
C HIS F 190 -21.10 -41.14 5.46
N LYS F 191 -22.36 -40.84 5.79
CA LYS F 191 -23.51 -41.26 4.99
C LYS F 191 -24.31 -40.09 4.46
N VAL F 192 -24.80 -39.21 5.31
CA VAL F 192 -25.70 -38.13 4.90
C VAL F 192 -24.87 -36.90 4.55
N TYR F 193 -24.94 -36.48 3.29
CA TYR F 193 -24.28 -35.26 2.82
C TYR F 193 -25.37 -34.26 2.47
N ALA F 194 -25.43 -33.17 3.24
CA ALA F 194 -26.51 -32.20 3.13
C ALA F 194 -25.95 -30.82 2.78
N CYS F 195 -26.80 -30.02 2.13
CA CYS F 195 -26.46 -28.66 1.73
C CYS F 195 -27.61 -27.76 2.18
N GLU F 196 -27.33 -26.87 3.13
CA GLU F 196 -28.35 -26.00 3.72
C GLU F 196 -28.16 -24.58 3.21
N VAL F 197 -29.21 -24.03 2.61
CA VAL F 197 -29.16 -22.72 1.96
C VAL F 197 -30.04 -21.76 2.76
N THR F 198 -29.44 -20.66 3.23
CA THR F 198 -30.17 -19.54 3.79
C THR F 198 -30.18 -18.40 2.78
N HIS F 199 -31.37 -17.83 2.56
CA HIS F 199 -31.49 -16.74 1.59
C HIS F 199 -32.72 -15.92 1.94
N GLN F 200 -32.71 -14.68 1.49
CA GLN F 200 -33.78 -13.74 1.81
C GLN F 200 -35.13 -14.24 1.31
N GLY F 201 -35.18 -14.71 0.06
CA GLY F 201 -36.40 -15.20 -0.55
C GLY F 201 -36.96 -16.47 0.05
N LEU F 202 -36.26 -17.09 1.00
CA LEU F 202 -36.74 -18.27 1.69
C LEU F 202 -37.21 -17.89 3.08
N SER F 203 -38.37 -18.43 3.48
CA SER F 203 -38.88 -18.17 4.82
C SER F 203 -38.09 -18.93 5.88
N SER F 204 -37.49 -20.06 5.52
CA SER F 204 -36.62 -20.80 6.42
C SER F 204 -35.60 -21.55 5.58
N PRO F 205 -34.46 -21.91 6.16
CA PRO F 205 -33.44 -22.65 5.40
C PRO F 205 -34.01 -23.84 4.64
N VAL F 206 -33.55 -24.00 3.40
CA VAL F 206 -33.85 -25.16 2.57
C VAL F 206 -32.64 -26.08 2.60
N THR F 207 -32.89 -27.39 2.61
CA THR F 207 -31.84 -28.39 2.66
C THR F 207 -32.02 -29.38 1.51
N LYS F 208 -30.92 -29.66 0.81
CA LYS F 208 -30.85 -30.72 -0.18
C LYS F 208 -29.75 -31.69 0.23
N SER F 209 -30.04 -32.98 0.19
CA SER F 209 -29.09 -33.97 0.69
C SER F 209 -29.25 -35.26 -0.10
N PHE F 210 -28.24 -36.13 0.04
CA PHE F 210 -28.27 -37.47 -0.50
C PHE F 210 -27.56 -38.40 0.49
N ASN F 211 -27.74 -39.70 0.30
CA ASN F 211 -27.08 -40.71 1.11
C ASN F 211 -26.09 -41.47 0.24
N ARG F 212 -24.85 -41.56 0.69
CA ARG F 212 -23.82 -42.29 -0.03
C ARG F 212 -24.09 -43.79 0.06
#